data_3FB1
#
_entry.id   3FB1
#
_cell.length_a   48.965
_cell.length_b   117.669
_cell.length_c   129.514
_cell.angle_alpha   90.000
_cell.angle_beta   90.000
_cell.angle_gamma   90.000
#
_symmetry.space_group_name_H-M   'P 21 21 21'
#
loop_
_entity.id
_entity.type
_entity.pdbx_description
1 polymer 'Purine-nucleoside phosphorylase'
2 non-polymer 1-O-phosphono-alpha-D-ribofuranose
3 non-polymer 'ACETATE ION'
4 water water
#
_entity_poly.entity_id   1
_entity_poly.type   'polypeptide(L)'
_entity_poly.pdbx_seq_one_letter_code
;MHESVTANIENVKKVAHHIQKLTSIVPEIGIICGSGLGKLADGVKDKITIPYTKIPNFPQTSVVGHSGNLIFGTLSGRKV
VVMQGRFHMYEGYSNDTVALPIRVMKLLGVKILMVSNAAGGLNRSLKLGDFVILKDHIYLPGLGLNNILVGPNQEAFGTR
FPALSNAYDRDLRKLAVQVAEENGFGNLVHQGVYVMNGGPCYETPAECTMLLNMGCDVVGMSTIPEVVIARHCGIQVFAV
SLVTNISVLDVESDLKPNHEEVLATGAQRAELMQSWFEKIIEKLPKD
;
_entity_poly.pdbx_strand_id   A,B,C
#
# COMPACT_ATOMS: atom_id res chain seq x y z
N SER A 4 -5.80 21.39 -4.48
CA SER A 4 -6.84 20.57 -5.09
C SER A 4 -8.15 20.66 -4.31
N VAL A 5 -9.27 20.73 -5.03
CA VAL A 5 -10.58 20.86 -4.38
C VAL A 5 -11.24 19.51 -4.11
N THR A 6 -11.92 19.41 -2.96
CA THR A 6 -12.61 18.18 -2.59
C THR A 6 -13.60 17.78 -3.68
N ALA A 7 -13.55 16.52 -4.07
CA ALA A 7 -14.52 15.97 -5.01
C ALA A 7 -15.90 15.75 -4.35
N ASN A 8 -16.38 16.77 -3.65
CA ASN A 8 -17.70 16.71 -3.05
C ASN A 8 -18.71 17.27 -4.03
N ILE A 9 -19.98 17.05 -3.73
CA ILE A 9 -21.05 17.39 -4.65
C ILE A 9 -21.02 18.86 -5.09
N GLU A 10 -20.71 19.77 -4.17
CA GLU A 10 -20.65 21.20 -4.47
C GLU A 10 -19.60 21.50 -5.53
N ASN A 11 -18.38 21.07 -5.27
CA ASN A 11 -17.29 21.32 -6.20
C ASN A 11 -17.54 20.64 -7.55
N VAL A 12 -17.95 19.38 -7.50
CA VAL A 12 -18.26 18.66 -8.73
C VAL A 12 -19.38 19.35 -9.53
N LYS A 13 -20.41 19.83 -8.82
CA LYS A 13 -21.48 20.57 -9.48
C LYS A 13 -20.96 21.83 -10.14
N LYS A 14 -20.16 22.60 -9.40
CA LYS A 14 -19.63 23.85 -9.92
C LYS A 14 -18.94 23.57 -11.24
N VAL A 15 -18.05 22.60 -11.24
CA VAL A 15 -17.34 22.21 -12.46
C VAL A 15 -18.28 21.73 -13.56
N ALA A 16 -19.21 20.84 -13.20
CA ALA A 16 -20.14 20.32 -14.20
C ALA A 16 -20.94 21.45 -14.81
N HIS A 17 -21.29 22.44 -14.00
CA HIS A 17 -22.08 23.56 -14.48
C HIS A 17 -21.23 24.46 -15.38
N HIS A 18 -19.99 24.69 -15.00
CA HIS A 18 -19.13 25.53 -15.82
C HIS A 18 -18.91 24.87 -17.17
N ILE A 19 -18.93 23.55 -17.18
CA ILE A 19 -18.71 22.80 -18.40
C ILE A 19 -19.98 22.84 -19.23
N GLN A 20 -21.11 22.79 -18.54
CA GLN A 20 -22.41 22.88 -19.19
C GLN A 20 -22.65 24.26 -19.81
N LYS A 21 -21.81 25.22 -19.41
CA LYS A 21 -21.85 26.56 -19.96
C LYS A 21 -20.97 26.65 -21.20
N LEU A 22 -20.28 25.55 -21.52
CA LEU A 22 -19.37 25.52 -22.64
C LEU A 22 -19.80 24.51 -23.68
N THR A 23 -20.78 23.68 -23.35
CA THR A 23 -21.25 22.67 -24.29
C THR A 23 -22.68 22.23 -23.98
N SER A 24 -23.40 21.87 -25.04
CA SER A 24 -24.79 21.45 -24.94
C SER A 24 -24.86 19.92 -24.95
N ILE A 25 -23.77 19.31 -25.36
CA ILE A 25 -23.68 17.85 -25.39
C ILE A 25 -23.79 17.27 -23.98
N VAL A 26 -24.83 16.48 -23.78
CA VAL A 26 -25.02 15.73 -22.54
C VAL A 26 -24.50 14.33 -22.80
N PRO A 27 -23.32 14.02 -22.28
CA PRO A 27 -22.67 12.75 -22.61
C PRO A 27 -23.34 11.61 -21.85
N GLU A 28 -23.53 10.49 -22.50
CA GLU A 28 -24.04 9.33 -21.81
C GLU A 28 -22.90 8.34 -21.63
N ILE A 29 -21.82 8.55 -22.38
CA ILE A 29 -20.67 7.67 -22.28
C ILE A 29 -19.42 8.51 -22.02
N GLY A 30 -18.69 8.12 -20.98
CA GLY A 30 -17.42 8.73 -20.68
C GLY A 30 -16.32 7.81 -21.17
N ILE A 31 -15.31 8.39 -21.79
CA ILE A 31 -14.22 7.60 -22.30
C ILE A 31 -12.90 8.14 -21.74
N ILE A 32 -12.06 7.24 -21.27
CA ILE A 32 -10.73 7.60 -20.81
C ILE A 32 -9.71 6.82 -21.64
N CYS A 33 -8.86 7.56 -22.35
CA CYS A 33 -7.84 6.95 -23.21
C CYS A 33 -6.56 6.68 -22.43
N GLY A 34 -5.97 5.51 -22.65
CA GLY A 34 -4.71 5.14 -22.02
C GLY A 34 -3.48 5.50 -22.85
N SER A 35 -2.29 5.16 -22.34
CA SER A 35 -1.02 5.56 -22.98
C SER A 35 -0.90 5.16 -24.45
N GLY A 36 -0.83 6.17 -25.31
CA GLY A 36 -0.70 5.96 -26.74
C GLY A 36 -1.99 5.53 -27.40
N LEU A 37 -3.12 5.82 -26.75
CA LEU A 37 -4.42 5.30 -27.20
C LEU A 37 -5.45 6.38 -27.45
N GLY A 38 -5.00 7.62 -27.56
CA GLY A 38 -5.91 8.75 -27.70
C GLY A 38 -6.39 8.97 -29.12
N LYS A 39 -6.18 7.99 -29.98
CA LYS A 39 -6.59 8.11 -31.38
C LYS A 39 -8.11 8.17 -31.49
N LEU A 40 -8.78 7.76 -30.42
CA LEU A 40 -10.24 7.82 -30.36
C LEU A 40 -10.73 9.27 -30.30
N ALA A 41 -10.08 10.08 -29.48
CA ALA A 41 -10.42 11.50 -29.37
C ALA A 41 -10.58 12.18 -30.73
N ASP A 42 -9.93 11.62 -31.75
CA ASP A 42 -9.99 12.18 -33.10
C ASP A 42 -11.30 11.86 -33.82
N GLY A 43 -11.84 10.67 -33.56
CA GLY A 43 -13.03 10.20 -34.24
C GLY A 43 -14.34 10.79 -33.75
N VAL A 44 -14.26 11.59 -32.69
CA VAL A 44 -15.46 12.20 -32.15
C VAL A 44 -16.01 13.23 -33.12
N LYS A 45 -17.24 13.00 -33.58
CA LYS A 45 -17.89 13.90 -34.51
C LYS A 45 -18.65 15.00 -33.78
N ASP A 46 -18.92 16.11 -34.47
CA ASP A 46 -19.65 17.24 -33.91
C ASP A 46 -19.06 17.62 -32.56
N LYS A 47 -17.73 17.63 -32.49
CA LYS A 47 -17.05 17.73 -31.21
C LYS A 47 -16.73 19.15 -30.74
N ILE A 48 -16.78 19.31 -29.42
CA ILE A 48 -16.24 20.49 -28.77
C ILE A 48 -15.09 20.05 -27.86
N THR A 49 -13.93 20.66 -28.04
CA THR A 49 -12.76 20.32 -27.24
C THR A 49 -12.52 21.38 -26.19
N ILE A 50 -12.59 20.98 -24.92
CA ILE A 50 -12.48 21.92 -23.81
C ILE A 50 -11.25 21.63 -22.99
N PRO A 51 -10.19 22.44 -23.19
CA PRO A 51 -8.93 22.27 -22.46
C PRO A 51 -9.19 22.28 -20.95
N TYR A 52 -8.59 21.36 -20.21
CA TYR A 52 -8.79 21.34 -18.76
C TYR A 52 -8.56 22.72 -18.19
N THR A 53 -7.60 23.42 -18.79
CA THR A 53 -7.24 24.75 -18.35
C THR A 53 -8.44 25.69 -18.41
N LYS A 54 -9.33 25.44 -19.35
CA LYS A 54 -10.51 26.30 -19.51
C LYS A 54 -11.59 25.98 -18.49
N ILE A 55 -11.32 25.04 -17.59
CA ILE A 55 -12.30 24.65 -16.59
C ILE A 55 -11.83 24.91 -15.17
N PRO A 56 -12.48 25.88 -14.49
CA PRO A 56 -12.13 26.23 -13.11
C PRO A 56 -12.15 25.00 -12.20
N ASN A 57 -11.08 24.82 -11.43
CA ASN A 57 -11.02 23.76 -10.42
C ASN A 57 -10.98 22.35 -10.98
N PHE A 58 -10.98 22.24 -12.30
CA PHE A 58 -10.79 20.94 -12.91
C PHE A 58 -9.30 20.64 -12.83
N PRO A 59 -8.96 19.39 -12.53
CA PRO A 59 -7.56 18.97 -12.38
C PRO A 59 -6.77 19.34 -13.64
N GLN A 60 -5.51 19.72 -13.47
CA GLN A 60 -4.64 20.08 -14.60
C GLN A 60 -3.61 19.00 -14.92
N THR A 61 -3.48 18.69 -16.21
CA THR A 61 -2.50 17.73 -16.71
C THR A 61 -2.21 18.00 -18.18
N SER A 62 -1.08 17.48 -18.66
CA SER A 62 -0.67 17.68 -20.05
C SER A 62 -0.44 16.36 -20.76
N HIS A 66 1.16 19.54 -24.01
CA HIS A 66 -0.03 20.38 -24.11
C HIS A 66 -1.11 20.02 -23.09
N SER A 67 -1.87 21.02 -22.65
CA SER A 67 -2.94 20.80 -21.68
C SER A 67 -3.85 19.64 -22.08
N GLY A 68 -4.49 19.03 -21.10
CA GLY A 68 -5.44 17.96 -21.34
C GLY A 68 -6.78 18.52 -21.81
N ASN A 69 -7.58 17.67 -22.43
CA ASN A 69 -8.86 18.11 -22.95
C ASN A 69 -10.03 17.22 -22.57
N LEU A 70 -11.15 17.84 -22.23
CA LEU A 70 -12.43 17.15 -22.22
C LEU A 70 -13.04 17.31 -23.60
N ILE A 71 -13.30 16.20 -24.27
CA ILE A 71 -13.84 16.26 -25.61
C ILE A 71 -15.28 15.75 -25.65
N PHE A 72 -16.20 16.66 -25.94
CA PHE A 72 -17.62 16.32 -26.01
C PHE A 72 -18.02 16.17 -27.46
N GLY A 73 -18.91 15.23 -27.74
CA GLY A 73 -19.33 15.03 -29.11
C GLY A 73 -19.98 13.70 -29.32
N THR A 74 -20.02 13.28 -30.57
CA THR A 74 -20.77 12.10 -30.94
C THR A 74 -19.83 11.01 -31.43
N LEU A 75 -20.09 9.80 -30.96
CA LEU A 75 -19.32 8.65 -31.37
C LEU A 75 -20.33 7.56 -31.62
N SER A 76 -20.39 7.08 -32.85
CA SER A 76 -21.36 6.06 -33.21
C SER A 76 -22.74 6.49 -32.72
N GLY A 77 -23.12 7.73 -33.05
CA GLY A 77 -24.45 8.23 -32.76
C GLY A 77 -24.76 8.48 -31.30
N ARG A 78 -23.81 8.18 -30.43
CA ARG A 78 -24.05 8.35 -29.00
C ARG A 78 -23.25 9.52 -28.45
N LYS A 79 -23.84 10.24 -27.51
CA LYS A 79 -23.16 11.36 -26.89
C LYS A 79 -22.06 10.85 -25.96
N VAL A 80 -20.83 11.31 -26.19
CA VAL A 80 -19.70 10.93 -25.37
C VAL A 80 -18.96 12.12 -24.82
N VAL A 81 -18.25 11.91 -23.71
CA VAL A 81 -17.27 12.87 -23.27
C VAL A 81 -16.00 12.07 -23.06
N VAL A 82 -14.91 12.58 -23.60
CA VAL A 82 -13.66 11.85 -23.57
C VAL A 82 -12.65 12.66 -22.81
N MET A 83 -11.99 12.01 -21.86
CA MET A 83 -10.87 12.63 -21.18
C MET A 83 -9.61 12.37 -21.98
N GLN A 84 -9.16 13.41 -22.68
CA GLN A 84 -7.87 13.37 -23.32
C GLN A 84 -6.85 13.84 -22.30
N GLY A 85 -6.08 12.91 -21.76
CA GLY A 85 -5.18 13.22 -20.67
C GLY A 85 -5.82 12.78 -19.36
N ARG A 86 -5.29 11.71 -18.77
CA ARG A 86 -5.81 11.24 -17.50
C ARG A 86 -4.83 11.52 -16.39
N PHE A 87 -5.24 11.18 -15.18
CA PHE A 87 -4.48 11.55 -13.99
C PHE A 87 -4.02 10.29 -13.32
N HIS A 88 -2.71 10.15 -13.25
CA HIS A 88 -2.08 8.96 -12.73
C HIS A 88 -1.59 9.26 -11.35
N MET A 89 -1.86 8.35 -10.43
CA MET A 89 -1.46 8.55 -9.04
C MET A 89 0.06 8.67 -8.89
N TYR A 90 0.83 7.97 -9.72
CA TYR A 90 2.29 8.08 -9.62
C TYR A 90 2.78 9.51 -9.90
N GLU A 91 1.94 10.34 -10.50
CA GLU A 91 2.32 11.73 -10.75
C GLU A 91 2.28 12.56 -9.46
N GLY A 92 1.62 12.04 -8.43
CA GLY A 92 1.46 12.78 -7.19
C GLY A 92 0.09 13.42 -7.05
N TYR A 93 -0.79 13.15 -8.02
CA TYR A 93 -2.17 13.65 -7.95
C TYR A 93 -2.91 13.11 -6.74
N SER A 94 -3.81 13.93 -6.21
CA SER A 94 -4.59 13.54 -5.06
C SER A 94 -5.76 12.68 -5.50
N ASN A 95 -6.34 11.98 -4.55
CA ASN A 95 -7.54 11.22 -4.80
C ASN A 95 -8.60 12.09 -5.42
N ASP A 96 -8.78 13.26 -4.84
CA ASP A 96 -9.77 14.21 -5.31
C ASP A 96 -9.54 14.54 -6.77
N THR A 97 -8.28 14.67 -7.16
CA THR A 97 -7.98 15.04 -8.54
C THR A 97 -8.48 13.96 -9.48
N VAL A 98 -8.23 12.71 -9.12
CA VAL A 98 -8.66 11.60 -9.94
C VAL A 98 -10.19 11.44 -9.87
N ALA A 99 -10.73 11.53 -8.66
CA ALA A 99 -12.17 11.36 -8.43
C ALA A 99 -13.02 12.40 -9.15
N LEU A 100 -12.61 13.66 -9.09
CA LEU A 100 -13.47 14.75 -9.56
C LEU A 100 -13.94 14.61 -11.02
N PRO A 101 -13.00 14.38 -11.96
CA PRO A 101 -13.43 14.24 -13.35
C PRO A 101 -14.48 13.15 -13.51
N ILE A 102 -14.33 12.03 -12.81
CA ILE A 102 -15.30 10.95 -12.91
C ILE A 102 -16.65 11.39 -12.35
N ARG A 103 -16.61 12.19 -11.30
CA ARG A 103 -17.87 12.58 -10.68
C ARG A 103 -18.51 13.69 -11.47
N VAL A 104 -17.68 14.51 -12.10
CA VAL A 104 -18.16 15.48 -13.05
C VAL A 104 -18.91 14.78 -14.17
N MET A 105 -18.31 13.72 -14.73
CA MET A 105 -18.96 12.93 -15.77
C MET A 105 -20.30 12.44 -15.28
N LYS A 106 -20.35 11.95 -14.05
CA LYS A 106 -21.59 11.47 -13.47
C LYS A 106 -22.65 12.58 -13.60
N LEU A 107 -22.26 13.79 -13.23
CA LEU A 107 -23.21 14.90 -13.17
C LEU A 107 -23.57 15.38 -14.58
N LEU A 108 -22.67 15.15 -15.53
CA LEU A 108 -22.93 15.56 -16.90
C LEU A 108 -23.85 14.58 -17.61
N GLY A 109 -24.10 13.45 -16.95
CA GLY A 109 -25.06 12.49 -17.44
C GLY A 109 -24.47 11.18 -17.89
N VAL A 110 -23.18 10.97 -17.66
CA VAL A 110 -22.52 9.76 -18.10
C VAL A 110 -23.11 8.54 -17.42
N LYS A 111 -23.41 7.51 -18.22
CA LYS A 111 -23.97 6.27 -17.72
C LYS A 111 -22.96 5.13 -17.83
N ILE A 112 -22.04 5.26 -18.77
CA ILE A 112 -21.08 4.20 -19.02
C ILE A 112 -19.69 4.79 -19.16
N LEU A 113 -18.77 4.29 -18.36
CA LEU A 113 -17.40 4.74 -18.46
C LEU A 113 -16.62 3.65 -19.16
N MET A 114 -15.99 4.02 -20.27
CA MET A 114 -15.16 3.08 -21.01
C MET A 114 -13.74 3.55 -20.86
N VAL A 115 -12.89 2.69 -20.32
CA VAL A 115 -11.52 3.11 -20.14
C VAL A 115 -10.51 2.16 -20.76
N SER A 116 -9.45 2.72 -21.33
CA SER A 116 -8.36 1.92 -21.82
C SER A 116 -7.12 2.23 -21.02
N ASN A 117 -6.16 1.33 -21.06
CA ASN A 117 -4.87 1.62 -20.50
C ASN A 117 -3.88 0.72 -21.17
N ALA A 118 -2.61 1.07 -21.01
CA ALA A 118 -1.52 0.25 -21.46
C ALA A 118 -1.08 -0.56 -20.25
N ALA A 119 -0.94 -1.86 -20.42
CA ALA A 119 -0.62 -2.74 -19.30
C ALA A 119 0.46 -3.74 -19.69
N GLY A 120 1.24 -4.14 -18.69
CA GLY A 120 2.18 -5.22 -18.85
C GLY A 120 1.40 -6.52 -18.87
N GLY A 121 1.72 -7.40 -19.81
CA GLY A 121 1.05 -8.68 -19.89
C GLY A 121 1.71 -9.69 -18.99
N LEU A 122 1.05 -10.01 -17.88
CA LEU A 122 1.56 -10.99 -16.94
C LEU A 122 1.20 -12.38 -17.42
N ASN A 123 -0.07 -12.58 -17.73
CA ASN A 123 -0.56 -13.88 -18.16
C ASN A 123 0.29 -14.35 -19.33
N ARG A 124 0.80 -15.58 -19.27
CA ARG A 124 1.80 -16.05 -20.21
C ARG A 124 1.20 -16.37 -21.58
N SER A 125 -0.13 -16.43 -21.66
CA SER A 125 -0.79 -16.67 -22.94
C SER A 125 -1.01 -15.36 -23.71
N LEU A 126 -0.75 -14.23 -23.06
CA LEU A 126 -0.90 -12.94 -23.72
C LEU A 126 0.18 -12.69 -24.74
N LYS A 127 -0.21 -12.11 -25.88
CA LYS A 127 0.73 -11.62 -26.86
C LYS A 127 0.72 -10.10 -26.86
N LEU A 128 1.86 -9.52 -27.19
CA LEU A 128 1.93 -8.08 -27.36
C LEU A 128 0.80 -7.60 -28.25
N GLY A 129 0.20 -6.48 -27.88
CA GLY A 129 -0.86 -5.91 -28.69
C GLY A 129 -2.20 -6.58 -28.47
N ASP A 130 -2.26 -7.59 -27.61
CA ASP A 130 -3.54 -8.17 -27.25
C ASP A 130 -4.36 -7.15 -26.47
N PHE A 131 -5.67 -7.34 -26.46
CA PHE A 131 -6.54 -6.59 -25.58
C PHE A 131 -6.99 -7.50 -24.48
N VAL A 132 -6.82 -7.05 -23.25
CA VAL A 132 -7.38 -7.76 -22.12
C VAL A 132 -8.45 -6.89 -21.50
N ILE A 133 -9.71 -7.22 -21.81
CA ILE A 133 -10.84 -6.64 -21.14
C ILE A 133 -10.75 -6.96 -19.65
N LEU A 134 -10.88 -5.92 -18.83
CA LEU A 134 -10.85 -6.12 -17.39
C LEU A 134 -12.18 -6.71 -16.94
N LYS A 135 -12.13 -7.83 -16.23
CA LYS A 135 -13.34 -8.42 -15.70
C LYS A 135 -13.28 -8.34 -14.19
N ASP A 136 -12.09 -8.02 -13.69
CA ASP A 136 -11.93 -7.82 -12.27
C ASP A 136 -10.61 -7.13 -12.07
N HIS A 137 -10.33 -6.71 -10.83
CA HIS A 137 -9.06 -6.04 -10.57
C HIS A 137 -8.56 -6.36 -9.19
N ILE A 138 -7.26 -6.15 -8.99
CA ILE A 138 -6.68 -6.22 -7.67
C ILE A 138 -6.06 -4.85 -7.41
N TYR A 139 -6.63 -4.16 -6.44
CA TYR A 139 -6.31 -2.78 -6.18
C TYR A 139 -5.27 -2.77 -5.09
N LEU A 140 -4.03 -3.09 -5.45
CA LEU A 140 -2.98 -3.16 -4.44
C LEU A 140 -2.89 -1.88 -3.59
N PRO A 141 -2.91 -0.70 -4.24
CA PRO A 141 -2.94 0.53 -3.43
C PRO A 141 -4.17 0.57 -2.54
N GLY A 142 -5.30 0.11 -3.06
CA GLY A 142 -6.54 0.11 -2.29
C GLY A 142 -6.50 -0.76 -1.05
N LEU A 143 -5.97 -1.97 -1.20
CA LEU A 143 -5.84 -2.88 -0.07
C LEU A 143 -4.88 -2.30 0.94
N GLY A 144 -3.91 -1.54 0.45
CA GLY A 144 -2.83 -1.05 1.30
C GLY A 144 -3.09 0.34 1.84
N LEU A 145 -4.35 0.75 1.82
CA LEU A 145 -4.77 2.00 2.47
C LEU A 145 -4.55 3.24 1.60
N ASN A 146 -4.41 3.03 0.30
CA ASN A 146 -4.42 4.15 -0.65
C ASN A 146 -5.60 4.04 -1.60
N ASN A 147 -6.70 3.49 -1.10
CA ASN A 147 -7.91 3.44 -1.91
C ASN A 147 -8.34 4.86 -2.20
N ILE A 148 -8.67 5.13 -3.45
CA ILE A 148 -9.08 6.48 -3.84
C ILE A 148 -10.20 7.03 -2.98
N LEU A 149 -11.01 6.13 -2.40
CA LEU A 149 -12.20 6.55 -1.66
C LEU A 149 -11.90 6.86 -0.22
N VAL A 150 -10.67 6.62 0.21
CA VAL A 150 -10.31 6.90 1.60
C VAL A 150 -10.65 8.35 1.92
N GLY A 151 -11.26 8.56 3.09
CA GLY A 151 -11.67 9.89 3.49
C GLY A 151 -13.17 9.91 3.63
N PRO A 152 -13.73 11.07 4.01
CA PRO A 152 -15.18 11.19 4.19
C PRO A 152 -15.91 10.67 2.96
N ASN A 153 -16.92 9.84 3.14
CA ASN A 153 -17.69 9.36 1.99
C ASN A 153 -18.57 10.49 1.47
N GLN A 154 -18.66 10.62 0.16
CA GLN A 154 -19.52 11.64 -0.43
C GLN A 154 -20.84 10.98 -0.74
N GLU A 155 -21.82 11.20 0.12
CA GLU A 155 -23.09 10.50 0.02
C GLU A 155 -23.90 10.85 -1.22
N ALA A 156 -23.75 12.08 -1.69
CA ALA A 156 -24.40 12.50 -2.91
C ALA A 156 -24.01 11.55 -4.04
N PHE A 157 -22.81 10.98 -3.95
CA PHE A 157 -22.32 10.14 -5.05
C PHE A 157 -22.51 8.65 -4.82
N GLY A 158 -22.29 8.19 -3.61
CA GLY A 158 -22.26 6.76 -3.43
C GLY A 158 -22.28 6.33 -2.00
N THR A 159 -22.13 5.03 -1.78
CA THR A 159 -22.24 4.48 -0.44
C THR A 159 -20.86 4.45 0.19
N ARG A 160 -20.82 4.39 1.52
CA ARG A 160 -19.55 4.32 2.24
C ARG A 160 -18.69 3.13 1.81
N PHE A 161 -19.31 1.95 1.72
CA PHE A 161 -18.57 0.75 1.33
C PHE A 161 -19.09 0.17 0.02
N PRO A 162 -18.61 0.70 -1.11
CA PRO A 162 -19.09 0.21 -2.40
C PRO A 162 -18.66 -1.25 -2.56
N ALA A 163 -19.56 -2.09 -3.04
CA ALA A 163 -19.15 -3.43 -3.41
C ALA A 163 -18.58 -3.32 -4.81
N LEU A 164 -17.72 -4.25 -5.19
CA LEU A 164 -17.13 -4.17 -6.51
C LEU A 164 -17.41 -5.43 -7.34
N SER A 165 -18.50 -6.12 -7.02
CA SER A 165 -18.75 -7.46 -7.55
C SER A 165 -18.86 -7.54 -9.09
N ASN A 166 -19.70 -6.70 -9.66
CA ASN A 166 -19.84 -6.64 -11.11
C ASN A 166 -19.24 -5.33 -11.58
N ALA A 167 -18.09 -4.95 -11.00
CA ALA A 167 -17.46 -3.68 -11.35
C ALA A 167 -17.23 -3.56 -12.86
N TYR A 168 -16.78 -4.65 -13.46
CA TYR A 168 -16.57 -4.63 -14.90
C TYR A 168 -17.79 -5.24 -15.54
N ASP A 169 -18.73 -4.37 -15.86
CA ASP A 169 -20.09 -4.77 -16.22
C ASP A 169 -20.05 -5.92 -17.19
N ARG A 170 -20.59 -7.05 -16.76
CA ARG A 170 -20.43 -8.28 -17.51
C ARG A 170 -21.11 -8.21 -18.88
N ASP A 171 -22.19 -7.43 -18.96
CA ASP A 171 -22.88 -7.24 -20.23
C ASP A 171 -22.06 -6.40 -21.19
N LEU A 172 -21.38 -5.39 -20.68
CA LEU A 172 -20.50 -4.61 -21.54
C LEU A 172 -19.36 -5.50 -22.03
N ARG A 173 -18.83 -6.32 -21.13
CA ARG A 173 -17.78 -7.26 -21.48
C ARG A 173 -18.24 -8.24 -22.57
N LYS A 174 -19.42 -8.81 -22.38
CA LYS A 174 -19.99 -9.73 -23.36
C LYS A 174 -20.12 -9.02 -24.69
N LEU A 175 -20.66 -7.82 -24.66
CA LEU A 175 -20.83 -7.02 -25.86
C LEU A 175 -19.49 -6.72 -26.53
N ALA A 176 -18.48 -6.42 -25.73
CA ALA A 176 -17.18 -6.04 -26.26
C ALA A 176 -16.57 -7.21 -27.00
N VAL A 177 -16.71 -8.38 -26.40
CA VAL A 177 -16.18 -9.63 -26.97
C VAL A 177 -16.89 -10.02 -28.26
N GLN A 178 -18.21 -9.87 -28.28
CA GLN A 178 -18.98 -10.16 -29.49
C GLN A 178 -18.59 -9.22 -30.63
N VAL A 179 -18.50 -7.93 -30.31
CA VAL A 179 -18.05 -6.96 -31.29
C VAL A 179 -16.67 -7.32 -31.86
N ALA A 180 -15.72 -7.62 -30.99
CA ALA A 180 -14.39 -8.03 -31.45
C ALA A 180 -14.49 -9.27 -32.33
N GLU A 181 -15.24 -10.27 -31.84
CA GLU A 181 -15.38 -11.53 -32.55
C GLU A 181 -15.94 -11.29 -33.94
N GLU A 182 -16.99 -10.49 -34.03
CA GLU A 182 -17.66 -10.31 -35.30
C GLU A 182 -16.87 -9.41 -36.22
N ASN A 183 -15.93 -8.65 -35.68
CA ASN A 183 -15.15 -7.74 -36.51
C ASN A 183 -13.75 -8.23 -36.81
N GLY A 184 -13.52 -9.52 -36.58
CA GLY A 184 -12.28 -10.16 -37.02
C GLY A 184 -11.11 -10.14 -36.05
N PHE A 185 -11.29 -9.54 -34.88
CA PHE A 185 -10.16 -9.47 -33.95
C PHE A 185 -10.48 -10.08 -32.58
N GLY A 186 -11.37 -11.08 -32.57
CA GLY A 186 -11.72 -11.79 -31.36
C GLY A 186 -10.54 -12.54 -30.78
N ASN A 187 -9.62 -12.95 -31.64
CA ASN A 187 -8.43 -13.67 -31.22
C ASN A 187 -7.47 -12.76 -30.47
N LEU A 188 -7.63 -11.45 -30.64
CA LEU A 188 -6.78 -10.49 -29.97
C LEU A 188 -7.28 -10.28 -28.55
N VAL A 189 -8.52 -10.70 -28.30
CA VAL A 189 -9.22 -10.27 -27.10
C VAL A 189 -9.29 -11.32 -26.01
N HIS A 190 -8.91 -10.89 -24.82
CA HIS A 190 -8.99 -11.75 -23.65
C HIS A 190 -9.72 -10.97 -22.61
N GLN A 191 -10.08 -11.67 -21.54
CA GLN A 191 -10.60 -11.02 -20.38
C GLN A 191 -9.67 -11.43 -19.27
N GLY A 192 -9.46 -10.53 -18.31
CA GLY A 192 -8.52 -10.84 -17.25
C GLY A 192 -8.60 -9.91 -16.08
N VAL A 193 -7.71 -10.17 -15.13
CA VAL A 193 -7.62 -9.38 -13.90
C VAL A 193 -6.50 -8.37 -14.02
N TYR A 194 -6.82 -7.10 -13.81
CA TYR A 194 -5.84 -6.04 -13.87
C TYR A 194 -5.42 -5.71 -12.45
N VAL A 195 -4.12 -5.67 -12.23
CA VAL A 195 -3.61 -5.28 -10.94
C VAL A 195 -2.97 -3.90 -11.11
N MET A 196 -3.26 -2.99 -10.20
CA MET A 196 -2.60 -1.70 -10.23
C MET A 196 -1.26 -1.75 -9.49
N ASN A 197 -0.21 -1.48 -10.24
CA ASN A 197 1.06 -1.11 -9.66
C ASN A 197 1.03 0.41 -9.53
N GLY A 198 1.12 0.93 -8.30
CA GLY A 198 1.10 2.37 -8.14
C GLY A 198 2.11 3.09 -9.05
N GLY A 199 3.24 2.43 -9.31
CA GLY A 199 4.25 3.00 -10.19
C GLY A 199 5.03 4.12 -9.54
N PRO A 200 5.86 4.83 -10.30
CA PRO A 200 5.94 4.81 -11.76
C PRO A 200 6.95 3.79 -12.28
N CYS A 201 7.62 3.06 -11.39
CA CYS A 201 8.50 2.00 -11.86
C CYS A 201 7.71 0.91 -12.57
N TYR A 202 8.24 0.44 -13.69
CA TYR A 202 7.84 -0.84 -14.18
C TYR A 202 8.09 -1.90 -13.13
N GLU A 203 7.46 -3.04 -13.29
CA GLU A 203 7.48 -4.07 -12.29
C GLU A 203 8.72 -4.90 -12.47
N THR A 204 9.37 -5.25 -11.36
CA THR A 204 10.53 -6.11 -11.41
C THR A 204 10.07 -7.50 -11.81
N PRO A 205 11.02 -8.34 -12.20
CA PRO A 205 10.61 -9.71 -12.54
C PRO A 205 10.00 -10.43 -11.34
N ALA A 206 10.54 -10.25 -10.14
CA ALA A 206 9.96 -10.90 -8.96
C ALA A 206 8.56 -10.32 -8.70
N GLU A 207 8.40 -9.02 -8.92
CA GLU A 207 7.08 -8.45 -8.75
C GLU A 207 6.10 -9.06 -9.74
N CYS A 208 6.50 -9.12 -11.01
CA CYS A 208 5.64 -9.69 -12.03
C CYS A 208 5.27 -11.12 -11.72
N THR A 209 6.24 -11.86 -11.20
CA THR A 209 6.00 -13.24 -10.89
C THR A 209 5.01 -13.32 -9.77
N MET A 210 5.17 -12.45 -8.79
CA MET A 210 4.25 -12.42 -7.67
C MET A 210 2.85 -12.06 -8.13
N LEU A 211 2.77 -11.03 -8.95
CA LEU A 211 1.47 -10.54 -9.41
C LEU A 211 0.75 -11.65 -10.17
N LEU A 212 1.50 -12.33 -11.04
CA LEU A 212 0.97 -13.44 -11.81
C LEU A 212 0.42 -14.51 -10.88
N ASN A 213 1.19 -14.86 -9.85
CA ASN A 213 0.77 -15.91 -8.95
C ASN A 213 -0.43 -15.47 -8.12
N MET A 214 -0.60 -14.15 -7.99
CA MET A 214 -1.74 -13.60 -7.28
C MET A 214 -3.02 -13.75 -8.10
N GLY A 215 -2.87 -14.16 -9.36
CA GLY A 215 -4.01 -14.30 -10.25
C GLY A 215 -4.21 -13.11 -11.15
N CYS A 216 -3.17 -12.29 -11.32
CA CYS A 216 -3.30 -11.11 -12.18
C CYS A 216 -2.87 -11.42 -13.59
N ASP A 217 -3.62 -10.87 -14.54
CA ASP A 217 -3.30 -11.12 -15.96
C ASP A 217 -2.54 -9.96 -16.56
N VAL A 218 -2.84 -8.76 -16.11
CA VAL A 218 -2.15 -7.58 -16.62
C VAL A 218 -1.90 -6.63 -15.48
N VAL A 219 -0.92 -5.76 -15.65
CA VAL A 219 -0.51 -4.83 -14.61
C VAL A 219 -0.27 -3.45 -15.18
N GLY A 220 -0.86 -2.46 -14.55
CA GLY A 220 -0.69 -1.10 -14.97
C GLY A 220 -0.76 -0.19 -13.77
N MET A 221 -0.73 1.10 -14.03
CA MET A 221 -0.59 2.06 -12.97
C MET A 221 -1.76 3.02 -12.99
N SER A 222 -2.89 2.58 -13.49
CA SER A 222 -4.02 3.50 -13.60
C SER A 222 -5.31 2.75 -13.42
N THR A 223 -6.40 3.39 -13.84
CA THR A 223 -7.64 2.69 -14.15
C THR A 223 -8.46 2.30 -12.94
N ILE A 224 -7.89 1.49 -12.06
CA ILE A 224 -8.65 1.06 -10.90
C ILE A 224 -9.25 2.22 -10.11
N PRO A 225 -8.46 3.27 -9.83
CA PRO A 225 -9.03 4.38 -9.06
C PRO A 225 -10.24 5.05 -9.78
N GLU A 226 -10.18 5.27 -11.09
CA GLU A 226 -11.31 5.85 -11.78
C GLU A 226 -12.48 4.86 -11.77
N VAL A 227 -12.18 3.58 -11.93
CA VAL A 227 -13.21 2.55 -11.97
C VAL A 227 -13.95 2.56 -10.63
N VAL A 228 -13.18 2.65 -9.56
CA VAL A 228 -13.73 2.65 -8.21
C VAL A 228 -14.63 3.85 -8.02
N ILE A 229 -14.18 5.02 -8.47
CA ILE A 229 -15.01 6.21 -8.33
C ILE A 229 -16.25 6.11 -9.20
N ALA A 230 -16.10 5.53 -10.39
CA ALA A 230 -17.22 5.33 -11.32
C ALA A 230 -18.24 4.40 -10.72
N ARG A 231 -17.77 3.25 -10.24
CA ARG A 231 -18.64 2.30 -9.59
C ARG A 231 -19.32 2.94 -8.38
N HIS A 232 -18.55 3.65 -7.56
CA HIS A 232 -19.10 4.31 -6.38
C HIS A 232 -20.29 5.19 -6.73
N CYS A 233 -20.25 5.84 -7.88
CA CYS A 233 -21.35 6.73 -8.23
C CYS A 233 -22.29 6.10 -9.25
N GLY A 234 -22.20 4.78 -9.38
CA GLY A 234 -23.13 4.02 -10.17
C GLY A 234 -22.97 4.17 -11.67
N ILE A 235 -21.79 4.56 -12.12
CA ILE A 235 -21.52 4.57 -13.53
C ILE A 235 -21.14 3.14 -13.87
N GLN A 236 -21.65 2.62 -14.99
CA GLN A 236 -21.24 1.28 -15.41
C GLN A 236 -19.87 1.37 -16.07
N VAL A 237 -19.03 0.38 -15.81
CA VAL A 237 -17.67 0.43 -16.32
C VAL A 237 -17.36 -0.67 -17.32
N PHE A 238 -16.71 -0.26 -18.41
CA PHE A 238 -16.03 -1.16 -19.33
C PHE A 238 -14.58 -0.72 -19.38
N ALA A 239 -13.65 -1.66 -19.27
CA ALA A 239 -12.25 -1.31 -19.25
C ALA A 239 -11.43 -2.35 -19.98
N VAL A 240 -10.43 -1.88 -20.73
CA VAL A 240 -9.55 -2.79 -21.46
C VAL A 240 -8.11 -2.37 -21.34
N SER A 241 -7.25 -3.33 -21.04
CA SER A 241 -5.83 -3.12 -21.13
C SER A 241 -5.38 -3.52 -22.53
N LEU A 242 -4.67 -2.61 -23.19
CA LEU A 242 -3.86 -3.00 -24.32
C LEU A 242 -2.55 -3.54 -23.74
N VAL A 243 -2.22 -4.77 -24.09
CA VAL A 243 -0.97 -5.34 -23.62
C VAL A 243 0.17 -4.68 -24.41
N THR A 244 0.81 -3.68 -23.79
CA THR A 244 1.80 -2.88 -24.49
C THR A 244 3.21 -3.39 -24.23
N ASN A 245 3.30 -4.44 -23.44
CA ASN A 245 4.58 -5.07 -23.14
C ASN A 245 4.32 -6.38 -22.44
N ILE A 246 5.10 -7.39 -22.78
CA ILE A 246 5.03 -8.68 -22.13
C ILE A 246 5.89 -8.62 -20.89
N SER A 247 5.28 -8.86 -19.74
CA SER A 247 5.97 -8.70 -18.48
C SER A 247 7.12 -9.68 -18.43
N VAL A 248 8.25 -9.20 -17.94
CA VAL A 248 9.42 -10.05 -17.81
C VAL A 248 9.48 -10.61 -16.39
N LEU A 249 9.31 -11.92 -16.28
CA LEU A 249 9.27 -12.60 -14.98
C LEU A 249 10.66 -13.14 -14.64
N ASP A 250 11.49 -13.23 -15.67
CA ASP A 250 12.82 -13.78 -15.52
C ASP A 250 13.83 -12.66 -15.23
N VAL A 251 14.42 -12.68 -14.05
CA VAL A 251 15.42 -11.68 -13.70
C VAL A 251 16.72 -11.80 -14.54
N GLU A 252 16.99 -12.97 -15.09
CA GLU A 252 18.18 -13.13 -15.95
C GLU A 252 17.92 -12.72 -17.39
N SER A 253 16.68 -12.34 -17.70
CA SER A 253 16.32 -11.94 -19.06
C SER A 253 16.87 -10.56 -19.37
N ASP A 254 17.26 -10.36 -20.62
CA ASP A 254 17.69 -9.06 -21.14
C ASP A 254 16.47 -8.26 -21.55
N LEU A 255 15.35 -8.94 -21.77
CA LEU A 255 14.10 -8.28 -22.09
C LEU A 255 13.71 -7.33 -20.95
N LYS A 256 13.27 -6.14 -21.29
CA LYS A 256 12.82 -5.18 -20.29
C LYS A 256 11.76 -4.27 -20.86
N PRO A 257 10.91 -3.71 -19.98
CA PRO A 257 9.88 -2.78 -20.45
C PRO A 257 10.57 -1.50 -20.86
N ASN A 258 10.05 -0.87 -21.88
CA ASN A 258 10.58 0.42 -22.27
C ASN A 258 9.42 1.31 -22.63
N HIS A 259 9.30 2.45 -21.96
CA HIS A 259 8.13 3.30 -22.15
C HIS A 259 7.90 3.69 -23.62
N GLU A 260 8.98 4.02 -24.33
CA GLU A 260 8.87 4.38 -25.75
C GLU A 260 8.26 3.22 -26.53
N GLU A 261 8.61 2.00 -26.14
CA GLU A 261 8.05 0.82 -26.78
C GLU A 261 6.59 0.65 -26.38
N VAL A 262 6.28 0.98 -25.14
CA VAL A 262 4.91 0.89 -24.65
C VAL A 262 4.03 1.85 -25.44
N LEU A 263 4.50 3.08 -25.66
CA LEU A 263 3.72 4.06 -26.42
C LEU A 263 3.56 3.62 -27.85
N ALA A 264 4.67 3.19 -28.45
CA ALA A 264 4.66 2.68 -29.82
C ALA A 264 3.63 1.56 -29.98
N THR A 265 3.67 0.59 -29.09
CA THR A 265 2.76 -0.54 -29.18
C THR A 265 1.31 -0.08 -29.02
N GLY A 266 1.08 0.86 -28.11
CA GLY A 266 -0.24 1.43 -27.92
C GLY A 266 -0.71 2.19 -29.14
N ALA A 267 0.12 3.13 -29.62
CA ALA A 267 -0.21 3.89 -30.82
C ALA A 267 -0.49 2.95 -32.00
N GLN A 268 0.31 1.89 -32.13
CA GLN A 268 0.09 0.93 -33.20
C GLN A 268 -1.33 0.35 -33.13
N ARG A 269 -1.81 0.12 -31.92
CA ARG A 269 -3.10 -0.53 -31.73
C ARG A 269 -4.26 0.46 -31.56
N ALA A 270 -3.94 1.74 -31.43
CA ALA A 270 -4.97 2.73 -31.10
C ALA A 270 -6.15 2.74 -32.09
N GLU A 271 -5.86 2.64 -33.38
CA GLU A 271 -6.92 2.70 -34.37
C GLU A 271 -7.89 1.54 -34.23
N LEU A 272 -7.34 0.34 -34.06
CA LEU A 272 -8.15 -0.85 -33.85
C LEU A 272 -8.95 -0.67 -32.59
N MET A 273 -8.31 -0.17 -31.54
CA MET A 273 -8.99 0.01 -30.27
C MET A 273 -10.11 1.04 -30.41
N GLN A 274 -9.82 2.10 -31.14
CA GLN A 274 -10.81 3.11 -31.44
C GLN A 274 -11.99 2.51 -32.19
N SER A 275 -11.68 1.75 -33.24
CA SER A 275 -12.69 1.07 -34.02
C SER A 275 -13.57 0.26 -33.08
N TRP A 276 -12.93 -0.57 -32.26
CA TRP A 276 -13.58 -1.42 -31.26
C TRP A 276 -14.50 -0.64 -30.33
N PHE A 277 -13.97 0.40 -29.70
CA PHE A 277 -14.77 1.26 -28.82
C PHE A 277 -15.98 1.84 -29.56
N GLU A 278 -15.77 2.22 -30.82
CA GLU A 278 -16.85 2.78 -31.61
C GLU A 278 -17.92 1.75 -31.93
N LYS A 279 -17.48 0.55 -32.28
CA LYS A 279 -18.41 -0.51 -32.62
C LYS A 279 -19.14 -1.00 -31.38
N ILE A 280 -18.45 -0.99 -30.25
CA ILE A 280 -19.10 -1.26 -28.99
C ILE A 280 -20.22 -0.24 -28.77
N ILE A 281 -19.85 1.04 -28.77
CA ILE A 281 -20.79 2.12 -28.52
C ILE A 281 -21.97 2.08 -29.47
N GLU A 282 -21.70 1.67 -30.71
CA GLU A 282 -22.74 1.53 -31.72
C GLU A 282 -23.78 0.49 -31.29
N LYS A 283 -23.33 -0.56 -30.60
CA LYS A 283 -24.27 -1.61 -30.18
C LYS A 283 -24.77 -1.47 -28.75
N LEU A 284 -24.34 -0.44 -28.06
CA LEU A 284 -24.92 -0.15 -26.75
C LEU A 284 -26.42 0.00 -26.89
N PRO A 285 -27.18 -0.72 -26.05
CA PRO A 285 -28.63 -0.50 -26.00
C PRO A 285 -28.91 0.98 -25.75
N LYS A 286 -29.92 1.53 -26.42
CA LYS A 286 -30.35 2.90 -26.18
C LYS A 286 -31.86 2.96 -26.03
N ASP A 287 -32.34 3.82 -25.13
CA ASP A 287 -33.76 4.08 -25.03
C ASP A 287 -34.13 5.23 -25.97
N SER B 4 11.18 17.65 3.27
CA SER B 4 12.40 18.44 3.11
C SER B 4 12.34 19.27 1.84
N VAL B 5 13.41 19.19 1.03
CA VAL B 5 13.46 19.92 -0.23
C VAL B 5 13.33 18.94 -1.40
N THR B 6 12.63 19.35 -2.46
CA THR B 6 12.44 18.47 -3.60
C THR B 6 13.81 17.98 -4.07
N ALA B 7 13.94 16.67 -4.25
CA ALA B 7 15.17 16.11 -4.77
C ALA B 7 15.26 16.36 -6.27
N ASN B 8 15.16 17.62 -6.67
CA ASN B 8 15.30 18.00 -8.07
C ASN B 8 16.73 18.34 -8.36
N ILE B 9 17.05 18.51 -9.63
CA ILE B 9 18.43 18.73 -10.01
C ILE B 9 19.03 19.97 -9.34
N GLU B 10 18.24 21.02 -9.19
CA GLU B 10 18.78 22.24 -8.59
C GLU B 10 19.10 22.05 -7.11
N ASN B 11 18.17 21.48 -6.35
CA ASN B 11 18.41 21.30 -4.93
C ASN B 11 19.52 20.30 -4.68
N VAL B 12 19.57 19.26 -5.50
CA VAL B 12 20.59 18.23 -5.39
C VAL B 12 21.94 18.83 -5.79
N LYS B 13 21.95 19.57 -6.89
CA LYS B 13 23.16 20.22 -7.38
C LYS B 13 23.77 21.07 -6.26
N LYS B 14 22.91 21.78 -5.54
CA LYS B 14 23.37 22.66 -4.47
C LYS B 14 24.00 21.87 -3.33
N VAL B 15 23.31 20.84 -2.86
CA VAL B 15 23.85 20.03 -1.77
C VAL B 15 25.17 19.39 -2.19
N ALA B 16 25.23 18.90 -3.43
CA ALA B 16 26.47 18.33 -3.96
C ALA B 16 27.59 19.38 -4.04
N HIS B 17 27.28 20.58 -4.54
CA HIS B 17 28.28 21.63 -4.66
C HIS B 17 28.81 22.05 -3.29
N HIS B 18 27.95 22.08 -2.28
CA HIS B 18 28.38 22.37 -0.92
CA HIS B 18 28.40 22.37 -0.93
C HIS B 18 29.39 21.32 -0.48
N ILE B 19 29.00 20.05 -0.65
CA ILE B 19 29.85 18.93 -0.29
C ILE B 19 31.18 18.97 -1.01
N GLN B 20 31.16 19.38 -2.27
CA GLN B 20 32.38 19.44 -3.05
C GLN B 20 33.31 20.53 -2.52
N LYS B 21 32.74 21.47 -1.78
CA LYS B 21 33.55 22.49 -1.13
C LYS B 21 34.17 21.92 0.14
N LEU B 22 33.58 20.84 0.65
CA LEU B 22 34.05 20.23 1.90
C LEU B 22 35.03 19.09 1.66
N THR B 23 35.10 18.60 0.42
CA THR B 23 36.04 17.55 0.09
C THR B 23 36.38 17.57 -1.40
N SER B 24 37.55 17.07 -1.73
CA SER B 24 38.00 16.94 -3.11
C SER B 24 37.94 15.47 -3.52
N ILE B 25 37.43 14.64 -2.62
CA ILE B 25 37.21 13.23 -2.94
C ILE B 25 36.01 13.11 -3.85
N VAL B 26 36.25 12.61 -5.06
CA VAL B 26 35.19 12.32 -6.00
C VAL B 26 34.92 10.83 -5.92
N PRO B 27 33.86 10.45 -5.19
CA PRO B 27 33.54 9.03 -4.96
C PRO B 27 33.11 8.42 -6.27
N GLU B 28 33.48 7.17 -6.51
CA GLU B 28 32.97 6.43 -7.64
C GLU B 28 32.00 5.41 -7.08
N ILE B 29 32.11 5.15 -5.79
CA ILE B 29 31.29 4.15 -5.14
C ILE B 29 30.58 4.72 -3.91
N GLY B 30 29.27 4.56 -3.87
CA GLY B 30 28.49 4.98 -2.73
C GLY B 30 28.16 3.75 -1.90
N ILE B 31 28.23 3.90 -0.58
CA ILE B 31 27.98 2.75 0.29
C ILE B 31 26.96 3.09 1.37
N ILE B 32 25.92 2.28 1.46
CA ILE B 32 24.94 2.46 2.52
C ILE B 32 24.93 1.23 3.41
N CYS B 33 25.26 1.45 4.68
CA CYS B 33 25.34 0.34 5.60
C CYS B 33 24.05 0.21 6.40
N GLY B 34 23.59 -1.02 6.58
CA GLY B 34 22.33 -1.27 7.26
C GLY B 34 22.46 -1.41 8.76
N SER B 35 21.37 -1.87 9.38
CA SER B 35 21.30 -2.06 10.83
C SER B 35 22.46 -2.87 11.40
N GLY B 36 23.31 -2.21 12.18
CA GLY B 36 24.38 -2.90 12.89
C GLY B 36 25.53 -3.29 12.00
N LEU B 37 25.39 -2.96 10.73
CA LEU B 37 26.48 -3.15 9.79
C LEU B 37 27.36 -1.91 9.91
N GLY B 38 27.98 -1.51 8.81
CA GLY B 38 28.72 -0.26 8.80
C GLY B 38 29.91 -0.19 9.73
N LYS B 39 30.45 -1.35 10.10
CA LYS B 39 31.77 -1.39 10.73
C LYS B 39 32.80 -1.21 9.63
N LEU B 40 32.33 -0.76 8.47
CA LEU B 40 33.17 -0.56 7.30
C LEU B 40 33.65 0.87 7.21
N ALA B 41 32.77 1.80 7.55
CA ALA B 41 33.11 3.22 7.58
C ALA B 41 34.37 3.46 8.40
N ASP B 42 34.78 2.46 9.16
CA ASP B 42 35.99 2.54 9.99
C ASP B 42 37.25 2.31 9.16
N GLY B 43 37.15 1.42 8.17
CA GLY B 43 38.29 1.02 7.38
C GLY B 43 38.59 1.89 6.18
N VAL B 44 37.81 2.96 6.01
CA VAL B 44 38.05 3.90 4.92
C VAL B 44 39.33 4.67 5.21
N LYS B 45 40.24 4.70 4.24
CA LYS B 45 41.53 5.37 4.40
C LYS B 45 41.45 6.84 4.03
N ASP B 46 42.16 7.67 4.78
CA ASP B 46 42.24 9.10 4.49
C ASP B 46 40.84 9.68 4.43
N LYS B 47 40.00 9.24 5.36
CA LYS B 47 38.60 9.58 5.33
C LYS B 47 38.39 11.04 5.67
N ILE B 48 37.32 11.60 5.12
CA ILE B 48 36.85 12.92 5.51
C ILE B 48 35.43 12.75 6.03
N THR B 49 35.26 12.82 7.34
CA THR B 49 33.93 12.65 7.91
C THR B 49 33.15 13.96 7.87
N ILE B 50 32.08 13.96 7.08
CA ILE B 50 31.22 15.14 6.95
C ILE B 50 29.84 14.87 7.52
N PRO B 51 29.58 15.41 8.72
CA PRO B 51 28.29 15.23 9.40
C PRO B 51 27.15 15.79 8.57
N TYR B 52 26.06 15.05 8.46
CA TYR B 52 24.89 15.52 7.73
C TYR B 52 24.50 16.91 8.21
N THR B 53 24.56 17.10 9.52
CA THR B 53 24.25 18.38 10.14
C THR B 53 25.02 19.54 9.50
N LYS B 54 26.16 19.22 8.89
CA LYS B 54 27.02 20.25 8.31
C LYS B 54 26.61 20.60 6.88
N ILE B 55 25.76 19.79 6.28
CA ILE B 55 25.38 20.02 4.89
C ILE B 55 23.99 20.61 4.71
N PRO B 56 23.94 21.84 4.20
CA PRO B 56 22.69 22.53 4.00
C PRO B 56 21.78 21.75 3.06
N ASN B 57 20.60 21.43 3.56
CA ASN B 57 19.55 20.74 2.82
C ASN B 57 19.72 19.23 2.83
N PHE B 58 20.83 18.74 3.32
CA PHE B 58 20.98 17.32 3.39
C PHE B 58 20.07 16.79 4.47
N PRO B 59 19.40 15.69 4.20
CA PRO B 59 18.50 15.15 5.22
C PRO B 59 19.28 14.85 6.50
N GLN B 60 18.63 15.01 7.65
CA GLN B 60 19.28 14.69 8.92
C GLN B 60 18.59 13.53 9.63
N THR B 61 19.43 12.66 10.11
CA THR B 61 19.08 11.53 10.87
C THR B 61 18.36 11.98 12.12
N VAL B 63 18.55 11.58 15.23
CA VAL B 63 18.32 10.30 15.88
C VAL B 63 19.27 10.16 17.07
N VAL B 64 18.93 10.86 18.15
CA VAL B 64 19.79 11.17 19.29
C VAL B 64 21.18 10.53 19.36
N GLY B 65 22.12 11.43 19.60
CA GLY B 65 23.49 11.09 19.88
C GLY B 65 24.25 10.88 18.61
N HIS B 66 23.77 9.92 17.81
CA HIS B 66 24.42 9.56 16.57
C HIS B 66 23.81 10.31 15.44
N SER B 67 24.31 11.50 15.20
CA SER B 67 23.84 12.13 13.97
C SER B 67 24.57 11.54 12.78
N GLY B 68 24.05 11.78 11.59
CA GLY B 68 24.59 11.18 10.39
C GLY B 68 25.92 11.74 9.92
N ASN B 69 26.65 10.92 9.16
CA ASN B 69 27.89 11.35 8.54
C ASN B 69 27.98 10.83 7.11
N LEU B 70 28.39 11.72 6.22
CA LEU B 70 28.82 11.31 4.89
C LEU B 70 30.34 11.14 4.97
N ILE B 71 30.79 9.89 4.98
CA ILE B 71 32.22 9.59 5.06
C ILE B 71 32.87 9.43 3.68
N PHE B 72 33.79 10.33 3.35
CA PHE B 72 34.52 10.27 2.08
C PHE B 72 35.91 9.72 2.29
N GLY B 73 36.39 8.92 1.35
CA GLY B 73 37.76 8.45 1.41
C GLY B 73 38.06 7.37 0.40
N THR B 74 39.02 6.52 0.73
CA THR B 74 39.41 5.48 -0.18
C THR B 74 39.27 4.13 0.48
N LEU B 75 38.80 3.17 -0.30
CA LEU B 75 38.62 1.81 0.14
C LEU B 75 39.18 0.93 -0.94
N SER B 76 40.12 0.07 -0.57
CA SER B 76 40.69 -0.85 -1.53
C SER B 76 41.04 -0.07 -2.79
N GLY B 77 41.67 1.09 -2.59
CA GLY B 77 42.21 1.89 -3.68
C GLY B 77 41.20 2.82 -4.35
N ARG B 78 39.93 2.57 -4.09
CA ARG B 78 38.86 3.28 -4.78
C ARG B 78 38.26 4.38 -3.92
N LYS B 79 37.84 5.47 -4.55
CA LYS B 79 37.19 6.56 -3.83
C LYS B 79 35.73 6.23 -3.53
N VAL B 80 35.35 6.34 -2.26
CA VAL B 80 34.03 5.97 -1.84
C VAL B 80 33.39 7.09 -1.04
N VAL B 81 32.07 7.04 -0.95
CA VAL B 81 31.35 7.90 -0.05
C VAL B 81 30.43 6.96 0.71
N VAL B 82 30.61 6.90 2.03
CA VAL B 82 29.80 6.02 2.85
C VAL B 82 28.72 6.83 3.53
N MET B 83 27.52 6.28 3.57
CA MET B 83 26.44 6.89 4.37
C MET B 83 26.40 6.25 5.73
N GLN B 84 26.78 7.02 6.73
CA GLN B 84 26.64 6.59 8.11
C GLN B 84 25.46 7.35 8.68
N GLY B 85 24.31 6.70 8.73
CA GLY B 85 23.07 7.40 9.00
C GLY B 85 22.21 7.18 7.78
N ARG B 86 21.28 6.25 7.92
CA ARG B 86 20.46 5.85 6.80
C ARG B 86 19.03 6.30 7.05
N PHE B 87 18.26 6.46 5.97
CA PHE B 87 16.95 7.08 6.10
C PHE B 87 15.87 6.07 5.74
N HIS B 88 15.12 5.63 6.74
CA HIS B 88 14.11 4.60 6.51
C HIS B 88 12.74 5.24 6.40
N MET B 89 11.92 4.71 5.49
CA MET B 89 10.59 5.26 5.27
C MET B 89 9.71 5.18 6.52
N TYR B 90 9.85 4.12 7.32
CA TYR B 90 9.01 4.00 8.50
C TYR B 90 9.21 5.16 9.47
N GLU B 91 10.34 5.86 9.36
CA GLU B 91 10.60 7.02 10.21
C GLU B 91 9.71 8.19 9.83
N GLY B 92 9.06 8.09 8.68
CA GLY B 92 8.20 9.16 8.19
C GLY B 92 8.91 10.10 7.23
N TYR B 93 10.15 9.77 6.88
CA TYR B 93 10.91 10.60 5.93
C TYR B 93 10.19 10.62 4.60
N SER B 94 10.23 11.77 3.92
CA SER B 94 9.57 11.90 2.62
C SER B 94 10.35 11.15 1.54
N ASN B 95 9.71 10.97 0.38
CA ASN B 95 10.40 10.41 -0.78
C ASN B 95 11.62 11.24 -1.13
N ASP B 96 11.45 12.56 -1.15
CA ASP B 96 12.53 13.48 -1.49
C ASP B 96 13.69 13.29 -0.53
N THR B 97 13.37 13.19 0.75
CA THR B 97 14.39 13.03 1.77
C THR B 97 15.24 11.78 1.54
N VAL B 98 14.59 10.67 1.19
CA VAL B 98 15.33 9.44 0.91
C VAL B 98 16.02 9.48 -0.45
N ALA B 99 15.39 10.10 -1.44
CA ALA B 99 16.00 10.18 -2.76
C ALA B 99 17.22 11.10 -2.80
N LEU B 100 17.18 12.19 -2.05
CA LEU B 100 18.19 13.24 -2.21
C LEU B 100 19.62 12.72 -2.06
N PRO B 101 19.90 12.01 -0.96
CA PRO B 101 21.28 11.54 -0.77
C PRO B 101 21.76 10.68 -1.94
N ILE B 102 20.88 9.87 -2.51
CA ILE B 102 21.30 9.01 -3.62
C ILE B 102 21.60 9.85 -4.85
N ARG B 103 20.76 10.84 -5.12
CA ARG B 103 21.01 11.72 -6.26
C ARG B 103 22.23 12.61 -6.04
N VAL B 104 22.46 13.01 -4.79
CA VAL B 104 23.68 13.75 -4.48
C VAL B 104 24.87 12.86 -4.84
N MET B 105 24.79 11.58 -4.46
CA MET B 105 25.85 10.64 -4.77
C MET B 105 26.08 10.65 -6.26
N LYS B 106 24.98 10.67 -7.02
CA LYS B 106 25.08 10.63 -8.46
C LYS B 106 25.89 11.82 -8.95
N LEU B 107 25.57 12.99 -8.42
CA LEU B 107 26.21 14.22 -8.86
C LEU B 107 27.68 14.26 -8.45
N LEU B 108 27.98 13.63 -7.33
CA LEU B 108 29.32 13.59 -6.80
C LEU B 108 30.18 12.63 -7.61
N GLY B 109 29.53 11.82 -8.43
CA GLY B 109 30.24 10.91 -9.32
C GLY B 109 30.09 9.42 -9.01
N VAL B 110 29.22 9.07 -8.08
CA VAL B 110 29.05 7.66 -7.77
C VAL B 110 28.54 6.89 -9.00
N LYS B 111 29.14 5.74 -9.26
CA LYS B 111 28.73 4.95 -10.41
C LYS B 111 28.10 3.66 -9.93
N ILE B 112 28.52 3.24 -8.74
CA ILE B 112 28.05 2.00 -8.16
C ILE B 112 27.63 2.32 -6.74
N LEU B 113 26.43 1.87 -6.39
CA LEU B 113 25.94 2.00 -5.03
C LEU B 113 25.94 0.61 -4.42
N MET B 114 26.57 0.48 -3.26
CA MET B 114 26.60 -0.80 -2.58
C MET B 114 25.83 -0.66 -1.29
N VAL B 115 24.90 -1.57 -1.07
CA VAL B 115 23.93 -1.43 0.00
C VAL B 115 23.95 -2.69 0.82
N SER B 116 23.92 -2.52 2.13
CA SER B 116 23.77 -3.65 2.99
C SER B 116 22.58 -3.36 3.85
N ASN B 117 21.91 -4.42 4.29
CA ASN B 117 20.86 -4.27 5.25
C ASN B 117 20.80 -5.53 6.11
N ALA B 118 20.04 -5.42 7.19
CA ALA B 118 19.72 -6.56 8.03
C ALA B 118 18.32 -6.98 7.62
N ALA B 119 18.14 -8.24 7.28
CA ALA B 119 16.83 -8.70 6.85
C ALA B 119 16.36 -9.95 7.60
N GLY B 120 15.05 -10.15 7.64
CA GLY B 120 14.50 -11.40 8.14
C GLY B 120 14.59 -12.44 7.04
N GLY B 121 14.93 -13.66 7.39
CA GLY B 121 15.05 -14.73 6.41
C GLY B 121 13.73 -15.44 6.23
N LEU B 122 13.15 -15.34 5.04
CA LEU B 122 11.91 -16.05 4.75
C LEU B 122 12.25 -17.39 4.15
N ASN B 123 13.09 -17.36 3.13
CA ASN B 123 13.51 -18.60 2.47
C ASN B 123 13.99 -19.57 3.53
N ARG B 124 13.43 -20.77 3.49
CA ARG B 124 13.65 -21.76 4.56
C ARG B 124 15.02 -22.38 4.51
N SER B 125 15.77 -22.10 3.46
CA SER B 125 17.12 -22.64 3.34
C SER B 125 18.13 -21.70 3.98
N LEU B 126 17.67 -20.52 4.38
CA LEU B 126 18.56 -19.53 4.97
C LEU B 126 18.86 -19.82 6.44
N LYS B 127 20.03 -19.40 6.89
CA LYS B 127 20.40 -19.54 8.29
C LYS B 127 20.81 -18.17 8.82
N LEU B 128 20.69 -17.96 10.12
CA LEU B 128 21.16 -16.72 10.71
C LEU B 128 22.56 -16.46 10.20
N GLY B 129 22.84 -15.22 9.84
CA GLY B 129 24.19 -14.86 9.47
C GLY B 129 24.49 -15.10 8.00
N ASP B 130 23.54 -15.73 7.30
CA ASP B 130 23.71 -15.88 5.87
C ASP B 130 23.71 -14.51 5.23
N PHE B 131 24.38 -14.40 4.09
CA PHE B 131 24.34 -13.21 3.27
C PHE B 131 23.43 -13.50 2.11
N VAL B 132 22.45 -12.64 1.89
CA VAL B 132 21.60 -12.81 0.73
C VAL B 132 21.79 -11.61 -0.20
N ILE B 133 22.58 -11.84 -1.25
CA ILE B 133 22.73 -10.83 -2.28
C ILE B 133 21.36 -10.65 -2.89
N LEU B 134 20.91 -9.41 -3.02
CA LEU B 134 19.65 -9.16 -3.67
C LEU B 134 19.87 -9.31 -5.15
N LYS B 135 19.08 -10.15 -5.81
CA LYS B 135 19.10 -10.19 -7.27
C LYS B 135 17.82 -9.57 -7.83
N ASP B 136 16.87 -9.28 -6.94
CA ASP B 136 15.59 -8.69 -7.32
C ASP B 136 14.86 -8.31 -6.06
N HIS B 137 13.81 -7.52 -6.21
CA HIS B 137 13.07 -7.07 -5.05
C HIS B 137 11.57 -7.04 -5.32
N ILE B 138 10.81 -7.07 -4.24
CA ILE B 138 9.40 -6.80 -4.32
C ILE B 138 9.12 -5.58 -3.47
N TYR B 139 8.72 -4.52 -4.13
CA TYR B 139 8.56 -3.22 -3.53
C TYR B 139 7.10 -3.08 -3.12
N LEU B 140 6.71 -3.80 -2.08
CA LEU B 140 5.33 -3.78 -1.64
C LEU B 140 4.82 -2.33 -1.57
N PRO B 141 5.56 -1.44 -0.88
CA PRO B 141 5.01 -0.08 -0.80
C PRO B 141 4.90 0.56 -2.20
N GLY B 142 5.81 0.18 -3.09
CA GLY B 142 5.85 0.76 -4.41
C GLY B 142 4.62 0.38 -5.20
N LEU B 143 4.30 -0.91 -5.18
CA LEU B 143 3.10 -1.39 -5.85
C LEU B 143 1.86 -0.76 -5.22
N GLY B 144 1.94 -0.51 -3.93
CA GLY B 144 0.79 -0.02 -3.19
C GLY B 144 0.69 1.49 -3.17
N LEU B 145 1.40 2.13 -4.10
CA LEU B 145 1.30 3.59 -4.31
C LEU B 145 2.18 4.43 -3.36
N ASN B 146 3.19 3.79 -2.77
CA ASN B 146 4.20 4.53 -2.03
C ASN B 146 5.58 4.29 -2.62
N ASN B 147 5.64 4.24 -3.95
CA ASN B 147 6.91 4.17 -4.65
C ASN B 147 7.64 5.48 -4.40
N ILE B 148 8.91 5.38 -4.02
CA ILE B 148 9.71 6.56 -3.76
C ILE B 148 9.63 7.58 -4.92
N LEU B 149 9.34 7.11 -6.13
CA LEU B 149 9.34 8.01 -7.29
C LEU B 149 8.03 8.73 -7.53
N VAL B 150 6.99 8.38 -6.78
CA VAL B 150 5.70 9.04 -6.92
C VAL B 150 5.86 10.56 -6.84
N GLY B 151 5.28 11.26 -7.80
CA GLY B 151 5.39 12.69 -7.82
C GLY B 151 5.99 13.06 -9.15
N PRO B 152 6.20 14.36 -9.40
CA PRO B 152 6.77 14.81 -10.66
C PRO B 152 8.09 14.11 -10.89
N ASN B 153 8.27 13.54 -12.07
CA ASN B 153 9.56 12.94 -12.36
C ASN B 153 10.62 14.01 -12.49
N GLN B 154 11.78 13.77 -11.89
CA GLN B 154 12.90 14.68 -12.05
C GLN B 154 13.70 14.22 -13.24
N GLU B 155 13.34 14.75 -14.41
CA GLU B 155 13.87 14.27 -15.67
C GLU B 155 15.39 14.38 -15.73
N ALA B 156 15.93 15.40 -15.06
CA ALA B 156 17.39 15.56 -15.01
C ALA B 156 18.06 14.31 -14.46
N PHE B 157 17.35 13.55 -13.62
CA PHE B 157 17.97 12.35 -13.04
C PHE B 157 17.64 11.07 -13.78
N GLY B 158 16.44 11.00 -14.35
CA GLY B 158 16.03 9.78 -14.99
C GLY B 158 14.65 9.87 -15.59
N THR B 159 14.22 8.75 -16.17
CA THR B 159 13.01 8.72 -16.97
C THR B 159 11.78 8.57 -16.08
N ARG B 160 10.61 8.89 -16.61
CA ARG B 160 9.37 8.82 -15.83
C ARG B 160 9.10 7.41 -15.34
N PHE B 161 9.21 6.44 -16.24
CA PHE B 161 8.92 5.04 -15.90
C PHE B 161 10.17 4.20 -16.01
N PRO B 162 10.96 4.16 -14.94
CA PRO B 162 12.18 3.38 -15.06
C PRO B 162 11.86 1.88 -15.05
N ALA B 163 12.43 1.16 -16.00
CA ALA B 163 12.46 -0.27 -15.92
C ALA B 163 13.37 -0.62 -14.74
N LEU B 164 13.13 -1.77 -14.14
CA LEU B 164 13.98 -2.22 -13.07
C LEU B 164 14.60 -3.53 -13.51
N SER B 165 15.06 -3.53 -14.75
CA SER B 165 15.71 -4.68 -15.33
C SER B 165 17.17 -4.68 -14.90
N ASN B 166 17.66 -5.84 -14.45
CA ASN B 166 19.03 -5.96 -13.98
C ASN B 166 19.33 -4.92 -12.91
N ALA B 167 18.30 -4.57 -12.15
CA ALA B 167 18.43 -3.56 -11.11
C ALA B 167 19.55 -3.94 -10.14
N TYR B 168 19.65 -5.22 -9.81
CA TYR B 168 20.78 -5.67 -9.00
C TYR B 168 21.80 -6.24 -9.95
N ASP B 169 22.69 -5.36 -10.36
CA ASP B 169 23.61 -5.65 -11.44
C ASP B 169 24.16 -7.06 -11.39
N ARG B 170 23.82 -7.88 -12.38
CA ARG B 170 24.19 -9.30 -12.36
C ARG B 170 25.72 -9.47 -12.31
N ASP B 171 26.44 -8.57 -12.98
CA ASP B 171 27.89 -8.63 -13.01
C ASP B 171 28.45 -8.35 -11.62
N LEU B 172 27.91 -7.34 -10.95
CA LEU B 172 28.33 -7.04 -9.59
C LEU B 172 28.02 -8.22 -8.67
N ARG B 173 26.87 -8.85 -8.88
CA ARG B 173 26.48 -10.03 -8.10
C ARG B 173 27.44 -11.19 -8.34
N LYS B 174 27.78 -11.41 -9.61
CA LYS B 174 28.74 -12.45 -9.98
C LYS B 174 30.07 -12.21 -9.28
N LEU B 175 30.52 -10.96 -9.33
CA LEU B 175 31.76 -10.56 -8.70
C LEU B 175 31.69 -10.74 -7.18
N ALA B 176 30.57 -10.34 -6.59
CA ALA B 176 30.42 -10.43 -5.16
C ALA B 176 30.50 -11.88 -4.72
N VAL B 177 29.93 -12.77 -5.52
CA VAL B 177 29.92 -14.19 -5.18
C VAL B 177 31.33 -14.76 -5.34
N GLN B 178 31.96 -14.46 -6.47
CA GLN B 178 33.32 -14.92 -6.71
C GLN B 178 34.22 -14.51 -5.55
N VAL B 179 34.12 -13.26 -5.12
CA VAL B 179 34.93 -12.78 -4.01
C VAL B 179 34.58 -13.50 -2.72
N ALA B 180 33.31 -13.80 -2.50
CA ALA B 180 32.96 -14.55 -1.31
C ALA B 180 33.60 -15.94 -1.37
N GLU B 181 33.47 -16.61 -2.52
CA GLU B 181 34.02 -17.95 -2.66
C GLU B 181 35.54 -17.95 -2.49
N GLU B 182 36.21 -17.01 -3.14
CA GLU B 182 37.67 -16.91 -3.08
C GLU B 182 38.14 -16.62 -1.67
N ASN B 183 37.25 -16.18 -0.80
CA ASN B 183 37.68 -15.82 0.53
C ASN B 183 37.18 -16.76 1.60
N GLY B 184 36.69 -17.92 1.17
CA GLY B 184 36.33 -18.98 2.09
C GLY B 184 34.99 -18.84 2.78
N PHE B 185 34.16 -17.92 2.31
CA PHE B 185 32.82 -17.77 2.88
C PHE B 185 31.71 -17.80 1.84
N GLY B 186 32.02 -18.40 0.69
CA GLY B 186 31.05 -18.58 -0.38
C GLY B 186 29.79 -19.27 0.11
N ASN B 187 29.94 -20.16 1.08
CA ASN B 187 28.83 -20.96 1.59
C ASN B 187 27.80 -20.14 2.37
N LEU B 188 28.17 -18.92 2.72
CA LEU B 188 27.28 -18.02 3.46
C LEU B 188 26.40 -17.26 2.49
N VAL B 189 26.84 -17.20 1.23
CA VAL B 189 26.22 -16.30 0.29
C VAL B 189 25.14 -16.96 -0.54
N HIS B 190 23.96 -16.35 -0.47
CA HIS B 190 22.86 -16.75 -1.31
C HIS B 190 22.49 -15.55 -2.15
N GLN B 191 21.61 -15.78 -3.12
CA GLN B 191 21.01 -14.69 -3.86
C GLN B 191 19.51 -14.90 -3.76
N GLY B 192 18.76 -13.81 -3.75
CA GLY B 192 17.34 -13.94 -3.62
C GLY B 192 16.63 -12.61 -3.65
N VAL B 193 15.32 -12.70 -3.53
CA VAL B 193 14.44 -11.57 -3.67
C VAL B 193 14.20 -10.94 -2.32
N TYR B 194 14.46 -9.64 -2.24
CA TYR B 194 14.23 -8.87 -1.04
C TYR B 194 12.87 -8.21 -1.17
N VAL B 195 12.04 -8.33 -0.14
CA VAL B 195 10.77 -7.62 -0.17
C VAL B 195 10.83 -6.57 0.91
N MET B 196 10.33 -5.40 0.60
CA MET B 196 10.29 -4.34 1.59
C MET B 196 8.97 -4.38 2.34
N ASN B 197 9.10 -4.49 3.65
CA ASN B 197 8.02 -4.24 4.57
C ASN B 197 8.17 -2.80 5.03
N GLY B 198 7.21 -1.95 4.68
CA GLY B 198 7.26 -0.56 5.08
C GLY B 198 7.64 -0.41 6.54
N GLY B 199 7.16 -1.32 7.37
CA GLY B 199 7.48 -1.29 8.79
C GLY B 199 6.75 -0.17 9.52
N PRO B 200 7.12 0.07 10.79
CA PRO B 200 8.32 -0.50 11.38
C PRO B 200 8.03 -1.76 12.19
N CYS B 201 6.81 -2.28 12.11
CA CYS B 201 6.52 -3.55 12.76
C CYS B 201 7.33 -4.65 12.11
N TYR B 202 7.80 -5.61 12.91
CA TYR B 202 8.31 -6.84 12.33
C TYR B 202 7.14 -7.58 11.74
N GLU B 203 7.46 -8.49 10.82
CA GLU B 203 6.45 -9.19 10.06
C GLU B 203 5.86 -10.31 10.90
N THR B 204 4.53 -10.41 10.90
CA THR B 204 3.86 -11.52 11.57
C THR B 204 4.19 -12.81 10.85
N PRO B 205 3.99 -13.95 11.52
CA PRO B 205 4.16 -15.22 10.82
C PRO B 205 3.28 -15.32 9.58
N ALA B 206 2.05 -14.82 9.65
CA ALA B 206 1.17 -14.90 8.49
C ALA B 206 1.76 -14.04 7.37
N GLU B 207 2.27 -12.86 7.74
CA GLU B 207 2.83 -11.98 6.73
C GLU B 207 4.05 -12.62 6.10
N CYS B 208 4.89 -13.25 6.92
CA CYS B 208 6.08 -13.92 6.42
C CYS B 208 5.71 -15.08 5.50
N THR B 209 4.71 -15.86 5.91
CA THR B 209 4.26 -16.96 5.09
C THR B 209 3.80 -16.43 3.74
N MET B 210 2.99 -15.38 3.76
CA MET B 210 2.55 -14.72 2.54
C MET B 210 3.74 -14.21 1.73
N LEU B 211 4.70 -13.57 2.41
CA LEU B 211 5.88 -13.04 1.71
C LEU B 211 6.68 -14.16 1.08
N LEU B 212 6.86 -15.26 1.81
CA LEU B 212 7.58 -16.40 1.29
C LEU B 212 6.89 -16.92 0.03
N ASN B 213 5.58 -17.07 0.11
CA ASN B 213 4.83 -17.59 -1.02
C ASN B 213 4.75 -16.60 -2.18
N MET B 214 5.04 -15.34 -1.91
CA MET B 214 5.14 -14.34 -2.96
C MET B 214 6.45 -14.47 -3.72
N GLY B 215 7.31 -15.39 -3.28
CA GLY B 215 8.63 -15.55 -3.87
C GLY B 215 9.69 -14.67 -3.23
N CYS B 216 9.40 -14.17 -2.03
CA CYS B 216 10.39 -13.37 -1.31
C CYS B 216 11.37 -14.23 -0.49
N ASP B 217 12.63 -13.83 -0.46
CA ASP B 217 13.65 -14.59 0.25
C ASP B 217 14.02 -13.93 1.57
N VAL B 218 14.07 -12.61 1.56
CA VAL B 218 14.32 -11.89 2.78
C VAL B 218 13.41 -10.69 2.80
N VAL B 219 13.19 -10.18 4.01
CA VAL B 219 12.34 -9.03 4.20
C VAL B 219 13.03 -8.03 5.11
N GLY B 220 12.85 -6.75 4.82
CA GLY B 220 13.39 -5.70 5.64
C GLY B 220 12.63 -4.45 5.27
N MET B 221 13.06 -3.33 5.82
CA MET B 221 12.27 -2.11 5.73
C MET B 221 13.05 -1.02 5.04
N SER B 222 14.04 -1.43 4.25
CA SER B 222 14.89 -0.45 3.60
C SER B 222 15.24 -0.84 2.18
N THR B 223 16.23 -0.14 1.64
CA THR B 223 16.99 -0.62 0.50
C THR B 223 16.30 -0.40 -0.85
N ILE B 224 15.11 -0.91 -1.01
CA ILE B 224 14.42 -0.78 -2.29
C ILE B 224 14.26 0.68 -2.73
N PRO B 225 13.80 1.56 -1.82
CA PRO B 225 13.63 2.96 -2.22
C PRO B 225 14.94 3.58 -2.74
N GLU B 226 16.04 3.42 -2.00
CA GLU B 226 17.36 3.87 -2.45
C GLU B 226 17.75 3.25 -3.78
N VAL B 227 17.53 1.95 -3.89
CA VAL B 227 17.86 1.22 -5.11
C VAL B 227 17.08 1.77 -6.30
N VAL B 228 15.79 2.02 -6.10
CA VAL B 228 14.97 2.60 -7.15
C VAL B 228 15.57 3.92 -7.61
N ILE B 229 15.88 4.80 -6.66
CA ILE B 229 16.46 6.09 -7.00
C ILE B 229 17.82 5.93 -7.69
N ALA B 230 18.62 4.99 -7.21
CA ALA B 230 19.92 4.74 -7.81
C ALA B 230 19.72 4.27 -9.26
N ARG B 231 18.86 3.29 -9.46
CA ARG B 231 18.59 2.81 -10.81
C ARG B 231 18.01 3.91 -11.69
N HIS B 232 17.11 4.71 -11.12
CA HIS B 232 16.50 5.81 -11.85
C HIS B 232 17.55 6.72 -12.47
N CYS B 233 18.59 7.06 -11.70
CA CYS B 233 19.61 7.98 -12.18
C CYS B 233 20.86 7.26 -12.66
N GLY B 234 20.73 5.97 -12.96
CA GLY B 234 21.79 5.22 -13.62
C GLY B 234 22.96 4.74 -12.78
N ILE B 235 22.77 4.70 -11.47
CA ILE B 235 23.81 4.16 -10.59
C ILE B 235 23.66 2.64 -10.52
N GLN B 236 24.72 1.91 -10.82
CA GLN B 236 24.64 0.45 -10.70
C GLN B 236 24.52 0.08 -9.23
N VAL B 237 23.80 -0.99 -8.96
CA VAL B 237 23.51 -1.36 -7.58
C VAL B 237 23.98 -2.75 -7.26
N PHE B 238 24.71 -2.84 -6.15
CA PHE B 238 24.91 -4.10 -5.47
C PHE B 238 24.28 -4.00 -4.09
N ALA B 239 23.58 -5.04 -3.66
CA ALA B 239 22.88 -4.96 -2.39
C ALA B 239 22.88 -6.32 -1.73
N VAL B 240 23.15 -6.38 -0.43
CA VAL B 240 23.12 -7.67 0.26
C VAL B 240 22.43 -7.57 1.60
N SER B 241 21.65 -8.59 1.91
CA SER B 241 21.06 -8.70 3.21
C SER B 241 21.90 -9.62 4.09
N LEU B 242 22.13 -9.19 5.32
CA LEU B 242 22.58 -10.09 6.36
C LEU B 242 21.30 -10.61 6.99
N VAL B 243 21.12 -11.93 6.98
CA VAL B 243 19.95 -12.50 7.63
C VAL B 243 20.14 -12.43 9.14
N THR B 244 19.47 -11.50 9.79
CA THR B 244 19.71 -11.27 11.21
C THR B 244 18.62 -11.93 12.04
N ASN B 245 17.61 -12.45 11.35
CA ASN B 245 16.62 -13.26 12.01
C ASN B 245 16.02 -14.23 11.02
N ILE B 246 15.62 -15.39 11.53
CA ILE B 246 14.91 -16.36 10.73
C ILE B 246 13.43 -16.14 11.02
N SER B 247 12.71 -15.71 10.00
CA SER B 247 11.27 -15.45 10.14
C SER B 247 10.53 -16.69 10.66
N VAL B 248 9.67 -16.48 11.64
CA VAL B 248 8.76 -17.52 12.12
C VAL B 248 7.54 -17.49 11.21
N LEU B 249 7.11 -18.66 10.72
CA LEU B 249 6.06 -18.74 9.71
C LEU B 249 4.68 -19.03 10.29
N ASP B 250 4.66 -19.71 11.42
CA ASP B 250 3.38 -20.07 12.02
C ASP B 250 3.35 -19.57 13.45
N VAL B 251 2.21 -19.02 13.84
CA VAL B 251 2.07 -18.45 15.16
C VAL B 251 1.95 -19.58 16.18
N GLU B 252 1.40 -20.70 15.74
CA GLU B 252 1.24 -21.89 16.58
C GLU B 252 2.56 -22.61 16.79
N SER B 253 3.55 -22.28 15.96
CA SER B 253 4.87 -22.88 16.06
C SER B 253 5.64 -22.29 17.24
N ALA B 267 28.36 -8.73 14.96
CA ALA B 267 29.73 -8.21 14.86
C ALA B 267 30.60 -9.08 13.97
N GLN B 268 30.53 -10.39 14.22
CA GLN B 268 31.23 -11.39 13.42
C GLN B 268 30.95 -11.14 11.95
N ARG B 269 29.66 -11.18 11.62
CA ARG B 269 29.21 -10.99 10.25
C ARG B 269 29.42 -9.57 9.78
N ALA B 270 29.26 -8.61 10.68
CA ALA B 270 29.43 -7.20 10.33
C ALA B 270 30.82 -6.95 9.74
N GLU B 271 31.84 -7.48 10.40
CA GLU B 271 33.19 -7.35 9.89
C GLU B 271 33.46 -8.27 8.70
N LEU B 272 32.82 -9.44 8.67
CA LEU B 272 32.96 -10.28 7.49
C LEU B 272 32.38 -9.52 6.30
N MET B 273 31.23 -8.90 6.52
CA MET B 273 30.60 -8.17 5.44
C MET B 273 31.46 -6.97 5.02
N GLN B 274 32.00 -6.25 6.00
CA GLN B 274 32.84 -5.10 5.67
C GLN B 274 34.03 -5.59 4.86
N SER B 275 34.58 -6.74 5.23
CA SER B 275 35.68 -7.34 4.50
C SER B 275 35.28 -7.65 3.06
N TRP B 276 34.13 -8.30 2.94
CA TRP B 276 33.61 -8.71 1.65
C TRP B 276 33.49 -7.50 0.76
N PHE B 277 32.92 -6.43 1.32
CA PHE B 277 32.74 -5.17 0.59
C PHE B 277 34.07 -4.61 0.12
N GLU B 278 35.04 -4.59 1.03
CA GLU B 278 36.36 -4.07 0.66
C GLU B 278 36.92 -4.89 -0.50
N LYS B 279 36.78 -6.21 -0.40
CA LYS B 279 37.31 -7.14 -1.41
C LYS B 279 36.56 -7.03 -2.73
N ILE B 280 35.27 -6.79 -2.67
CA ILE B 280 34.51 -6.55 -3.89
C ILE B 280 35.02 -5.27 -4.53
N ILE B 281 35.10 -4.22 -3.74
CA ILE B 281 35.53 -2.93 -4.26
C ILE B 281 36.92 -3.08 -4.88
N GLU B 282 37.75 -3.88 -4.22
CA GLU B 282 39.09 -4.20 -4.72
C GLU B 282 39.02 -4.71 -6.17
N LYS B 283 38.02 -5.52 -6.48
CA LYS B 283 37.91 -6.13 -7.80
C LYS B 283 36.98 -5.39 -8.73
N LEU B 284 36.38 -4.29 -8.27
CA LEU B 284 35.45 -3.57 -9.12
C LEU B 284 36.21 -3.00 -10.30
N PRO B 285 35.59 -3.02 -11.48
CA PRO B 285 36.23 -2.47 -12.69
C PRO B 285 36.47 -0.98 -12.54
N LYS B 286 37.49 -0.46 -13.20
CA LYS B 286 37.84 0.94 -13.05
C LYS B 286 38.28 1.55 -14.38
N ASP B 287 37.80 2.76 -14.66
CA ASP B 287 38.17 3.45 -15.89
C ASP B 287 39.35 4.36 -15.65
N GLU C 3 -4.04 15.54 11.22
CA GLU C 3 -3.38 14.49 11.98
C GLU C 3 -3.89 14.45 13.41
N SER C 4 -4.85 15.32 13.73
CA SER C 4 -5.35 15.49 15.09
C SER C 4 -4.20 15.90 16.01
N VAL C 5 -4.15 15.30 17.19
CA VAL C 5 -3.03 15.55 18.09
C VAL C 5 -2.09 14.36 18.09
N THR C 6 -0.79 14.63 18.07
CA THR C 6 0.21 13.58 18.09
C THR C 6 -0.04 12.66 19.27
N ALA C 7 -0.09 11.36 19.02
CA ALA C 7 -0.26 10.40 20.10
C ALA C 7 1.04 10.22 20.87
N ASN C 8 1.58 11.33 21.38
CA ASN C 8 2.79 11.29 22.19
C ASN C 8 2.40 11.27 23.66
N ILE C 9 3.38 11.06 24.54
CA ILE C 9 3.07 10.95 25.97
C ILE C 9 2.35 12.17 26.54
N GLU C 10 2.73 13.37 26.09
CA GLU C 10 2.14 14.58 26.68
C GLU C 10 0.65 14.68 26.37
N ASN C 11 0.31 14.47 25.10
CA ASN C 11 -1.08 14.61 24.68
C ASN C 11 -1.92 13.48 25.19
N VAL C 12 -1.35 12.29 25.24
CA VAL C 12 -2.04 11.13 25.78
C VAL C 12 -2.30 11.32 27.26
N LYS C 13 -1.29 11.78 28.00
CA LYS C 13 -1.45 12.05 29.41
C LYS C 13 -2.56 13.04 29.66
N LYS C 14 -2.60 14.11 28.86
CA LYS C 14 -3.65 15.11 29.04
C LYS C 14 -5.01 14.45 28.90
N VAL C 15 -5.17 13.66 27.85
CA VAL C 15 -6.45 13.00 27.62
C VAL C 15 -6.79 12.06 28.76
N ALA C 16 -5.83 11.22 29.14
CA ALA C 16 -6.05 10.27 30.22
C ALA C 16 -6.50 10.96 31.49
N HIS C 17 -5.85 12.08 31.80
CA HIS C 17 -6.14 12.81 33.03
C HIS C 17 -7.53 13.46 32.99
N HIS C 18 -7.91 13.98 31.82
CA HIS C 18 -9.26 14.52 31.66
C HIS C 18 -10.27 13.40 31.93
N ILE C 19 -10.05 12.25 31.31
CA ILE C 19 -10.92 11.10 31.51
C ILE C 19 -10.94 10.68 32.97
N GLN C 20 -9.77 10.66 33.61
CA GLN C 20 -9.72 10.26 35.01
C GLN C 20 -10.51 11.18 35.93
N LYS C 21 -10.70 12.43 35.51
CA LYS C 21 -11.49 13.39 36.28
C LYS C 21 -12.98 13.08 36.16
N LEU C 22 -13.31 12.25 35.18
CA LEU C 22 -14.70 12.01 34.81
C LEU C 22 -15.17 10.64 35.25
N THR C 23 -14.24 9.80 35.68
CA THR C 23 -14.61 8.49 36.20
C THR C 23 -13.61 8.00 37.23
N SER C 24 -14.11 7.20 38.18
CA SER C 24 -13.26 6.56 39.17
C SER C 24 -12.88 5.17 38.68
N ILE C 25 -13.38 4.81 37.49
CA ILE C 25 -13.11 3.48 36.96
C ILE C 25 -11.71 3.41 36.34
N VAL C 26 -10.87 2.60 36.95
CA VAL C 26 -9.55 2.30 36.38
C VAL C 26 -9.68 1.03 35.55
N PRO C 27 -9.81 1.19 34.22
CA PRO C 27 -10.07 0.03 33.36
C PRO C 27 -8.90 -0.94 33.37
N GLU C 28 -9.20 -2.22 33.54
CA GLU C 28 -8.21 -3.27 33.39
C GLU C 28 -8.35 -3.80 31.98
N ILE C 29 -9.55 -3.69 31.46
CA ILE C 29 -9.87 -4.26 30.16
C ILE C 29 -10.44 -3.19 29.26
N GLY C 30 -9.85 -3.09 28.06
CA GLY C 30 -10.33 -2.17 27.05
C GLY C 30 -11.06 -2.99 26.00
N ILE C 31 -12.12 -2.42 25.45
CA ILE C 31 -12.96 -3.12 24.48
C ILE C 31 -13.31 -2.21 23.33
N ILE C 32 -13.01 -2.67 22.13
CA ILE C 32 -13.40 -1.95 20.93
C ILE C 32 -14.51 -2.74 20.21
N CYS C 33 -15.63 -2.09 19.98
CA CYS C 33 -16.77 -2.75 19.34
C CYS C 33 -16.79 -2.52 17.84
N GLY C 34 -16.87 -3.60 17.07
CA GLY C 34 -16.92 -3.55 15.62
C GLY C 34 -18.33 -3.31 15.10
N SER C 35 -18.44 -3.23 13.77
CA SER C 35 -19.69 -2.86 13.10
C SER C 35 -20.87 -3.76 13.47
N GLY C 36 -21.94 -3.15 13.98
CA GLY C 36 -23.11 -3.85 14.45
C GLY C 36 -22.90 -4.65 15.72
N LEU C 37 -21.83 -4.39 16.46
CA LEU C 37 -21.44 -5.23 17.61
C LEU C 37 -21.48 -4.49 18.93
N GLY C 38 -22.19 -3.39 18.94
CA GLY C 38 -22.40 -2.61 20.13
C GLY C 38 -23.08 -3.18 21.37
N LYS C 39 -23.97 -4.15 21.27
CA LYS C 39 -24.71 -4.55 22.45
C LYS C 39 -23.89 -4.63 23.75
N LEU C 40 -22.66 -5.08 23.64
CA LEU C 40 -21.84 -5.25 24.82
C LEU C 40 -21.72 -3.97 25.55
N ALA C 41 -21.45 -2.95 24.79
CA ALA C 41 -21.39 -1.62 25.30
C ALA C 41 -22.52 -1.33 26.27
N ASP C 42 -23.75 -1.63 25.89
CA ASP C 42 -24.88 -1.29 26.73
C ASP C 42 -25.01 -2.22 27.96
N GLY C 43 -24.37 -3.37 27.95
CA GLY C 43 -24.43 -4.30 29.08
C GLY C 43 -23.40 -4.02 30.15
N VAL C 44 -22.76 -2.87 30.04
CA VAL C 44 -21.81 -2.44 31.07
C VAL C 44 -22.55 -1.98 32.31
N LYS C 45 -22.13 -2.49 33.46
CA LYS C 45 -22.78 -2.14 34.72
C LYS C 45 -22.10 -0.98 35.45
N ASP C 46 -22.90 -0.17 36.13
CA ASP C 46 -22.40 1.00 36.83
C ASP C 46 -21.62 1.87 35.88
N LYS C 47 -22.15 2.02 34.67
CA LYS C 47 -21.38 2.66 33.61
C LYS C 47 -21.42 4.17 33.63
N ILE C 48 -20.27 4.76 33.36
CA ILE C 48 -20.14 6.19 33.12
C ILE C 48 -19.86 6.35 31.63
N THR C 49 -20.64 7.21 30.97
CA THR C 49 -20.54 7.39 29.53
C THR C 49 -19.95 8.74 29.18
N ILE C 50 -18.84 8.74 28.46
CA ILE C 50 -18.15 9.96 28.13
C ILE C 50 -18.07 10.17 26.62
N PRO C 51 -18.90 11.08 26.09
CA PRO C 51 -18.91 11.29 24.64
C PRO C 51 -17.54 11.78 24.20
N TYR C 52 -17.06 11.28 23.07
CA TYR C 52 -15.76 11.69 22.55
C TYR C 52 -15.67 13.21 22.47
N THR C 53 -16.82 13.85 22.24
CA THR C 53 -16.89 15.30 22.16
C THR C 53 -16.53 15.97 23.49
N LYS C 54 -16.67 15.22 24.58
CA LYS C 54 -16.47 15.77 25.90
C LYS C 54 -15.07 15.47 26.43
N ILE C 55 -14.24 14.87 25.58
CA ILE C 55 -12.85 14.65 25.91
C ILE C 55 -11.98 15.50 24.99
N PRO C 56 -11.35 16.54 25.55
CA PRO C 56 -10.50 17.44 24.77
C PRO C 56 -9.34 16.69 24.12
N ASN C 57 -9.17 16.90 22.81
CA ASN C 57 -8.07 16.31 22.06
C ASN C 57 -8.23 14.81 21.83
N PHE C 58 -9.38 14.27 22.22
CA PHE C 58 -9.71 12.90 21.88
C PHE C 58 -10.30 12.93 20.48
N PRO C 59 -9.91 11.96 19.63
CA PRO C 59 -10.34 11.91 18.24
C PRO C 59 -11.84 11.79 18.15
N GLN C 60 -12.45 12.45 17.17
CA GLN C 60 -13.89 12.49 17.03
C GLN C 60 -14.31 11.56 15.91
N THR C 61 -15.39 10.82 16.14
CA THR C 61 -16.00 10.00 15.12
C THR C 61 -17.49 9.98 15.38
N SER C 62 -18.31 10.36 14.45
CA SER C 62 -19.72 10.25 14.73
C SER C 62 -20.30 9.09 13.97
N VAL C 63 -21.42 8.61 14.45
CA VAL C 63 -22.18 7.70 13.68
C VAL C 63 -22.78 8.48 12.51
N VAL C 64 -23.67 9.40 12.76
CA VAL C 64 -23.99 10.33 11.72
C VAL C 64 -24.41 11.51 12.49
N GLY C 65 -23.46 12.38 12.77
CA GLY C 65 -23.68 13.44 13.70
C GLY C 65 -23.48 13.07 15.14
N HIS C 66 -23.59 11.80 15.51
CA HIS C 66 -23.51 11.49 16.92
C HIS C 66 -22.12 11.05 17.40
N SER C 67 -21.61 11.74 18.42
CA SER C 67 -20.30 11.41 18.95
C SER C 67 -20.25 9.98 19.48
N GLY C 68 -19.14 9.29 19.23
CA GLY C 68 -18.91 7.99 19.81
C GLY C 68 -18.69 8.17 21.30
N ASN C 69 -18.74 7.09 22.06
CA ASN C 69 -18.59 7.21 23.51
C ASN C 69 -17.51 6.32 24.13
N LEU C 70 -16.93 6.84 25.20
CA LEU C 70 -16.08 6.05 26.06
C LEU C 70 -16.95 5.60 27.22
N ILE C 71 -17.10 4.30 27.38
CA ILE C 71 -17.94 3.76 28.42
C ILE C 71 -17.12 3.05 29.48
N PHE C 72 -17.11 3.62 30.68
CA PHE C 72 -16.44 2.96 31.79
C PHE C 72 -17.46 2.27 32.67
N GLY C 73 -17.08 1.14 33.22
CA GLY C 73 -17.92 0.45 34.17
C GLY C 73 -17.32 -0.91 34.38
N THR C 74 -18.14 -1.85 34.83
CA THR C 74 -17.68 -3.20 35.01
C THR C 74 -18.42 -4.15 34.09
N LEU C 75 -17.80 -5.28 33.84
CA LEU C 75 -18.35 -6.29 32.98
C LEU C 75 -17.85 -7.57 33.62
N SER C 76 -18.77 -8.40 34.09
CA SER C 76 -18.42 -9.61 34.78
C SER C 76 -17.49 -9.28 35.94
N GLY C 77 -17.80 -8.18 36.64
CA GLY C 77 -17.03 -7.77 37.78
C GLY C 77 -15.64 -7.23 37.48
N ARG C 78 -15.35 -6.95 36.20
CA ARG C 78 -14.05 -6.39 35.84
C ARG C 78 -14.19 -4.95 35.35
N LYS C 79 -13.25 -4.10 35.72
CA LYS C 79 -13.35 -2.71 35.28
C LYS C 79 -12.96 -2.63 33.82
N VAL C 80 -13.84 -2.06 33.00
CA VAL C 80 -13.59 -1.97 31.58
C VAL C 80 -13.76 -0.54 31.11
N VAL C 81 -13.14 -0.24 29.97
CA VAL C 81 -13.45 0.95 29.24
C VAL C 81 -13.81 0.42 27.86
N VAL C 82 -14.93 0.90 27.33
CA VAL C 82 -15.40 0.43 26.05
C VAL C 82 -15.36 1.61 25.11
N MET C 83 -14.76 1.39 23.95
CA MET C 83 -14.83 2.40 22.90
C MET C 83 -16.04 2.10 22.08
N GLN C 84 -17.04 2.94 22.21
CA GLN C 84 -18.24 2.83 21.42
C GLN C 84 -18.08 3.77 20.23
N GLY C 85 -17.57 3.23 19.14
CA GLY C 85 -17.23 4.04 17.98
C GLY C 85 -15.74 4.00 17.76
N ARG C 86 -15.30 3.22 16.77
CA ARG C 86 -13.89 3.13 16.45
C ARG C 86 -13.54 4.04 15.29
N PHE C 87 -12.25 4.11 14.99
CA PHE C 87 -11.74 5.00 13.98
C PHE C 87 -11.13 4.19 12.85
N HIS C 88 -11.79 4.23 11.71
CA HIS C 88 -11.36 3.45 10.57
C HIS C 88 -10.49 4.31 9.69
N MET C 89 -9.38 3.73 9.26
CA MET C 89 -8.44 4.46 8.43
C MET C 89 -9.06 4.92 7.12
N TYR C 90 -10.03 4.16 6.60
CA TYR C 90 -10.59 4.52 5.31
C TYR C 90 -11.35 5.84 5.45
N GLU C 91 -11.65 6.22 6.69
CA GLU C 91 -12.36 7.48 6.90
C GLU C 91 -11.42 8.64 6.73
N GLY C 92 -10.12 8.34 6.76
CA GLY C 92 -9.12 9.39 6.56
C GLY C 92 -8.45 9.78 7.86
N TYR C 93 -8.81 9.12 8.95
CA TYR C 93 -8.20 9.40 10.24
C TYR C 93 -6.70 9.20 10.19
N SER C 94 -5.97 10.06 10.90
CA SER C 94 -4.53 9.94 11.00
C SER C 94 -4.15 8.75 11.86
N ASN C 95 -2.90 8.32 11.76
CA ASN C 95 -2.38 7.27 12.62
C ASN C 95 -2.49 7.70 14.08
N ASP C 96 -2.25 8.98 14.35
CA ASP C 96 -2.30 9.52 15.70
C ASP C 96 -3.71 9.45 16.23
N THR C 97 -4.67 9.69 15.35
CA THR C 97 -6.06 9.61 15.73
C THR C 97 -6.36 8.21 16.21
N VAL C 98 -5.91 7.21 15.46
CA VAL C 98 -6.22 5.83 15.80
C VAL C 98 -5.41 5.36 16.99
N ALA C 99 -4.15 5.78 17.03
CA ALA C 99 -3.25 5.38 18.12
C ALA C 99 -3.67 5.98 19.46
N LEU C 100 -4.11 7.23 19.45
CA LEU C 100 -4.33 7.92 20.72
C LEU C 100 -5.23 7.14 21.69
N PRO C 101 -6.43 6.74 21.24
CA PRO C 101 -7.31 6.09 22.23
C PRO C 101 -6.68 4.87 22.90
N ILE C 102 -5.86 4.11 22.18
CA ILE C 102 -5.27 2.90 22.72
C ILE C 102 -4.21 3.27 23.75
N ARG C 103 -3.43 4.28 23.43
CA ARG C 103 -2.39 4.75 24.31
C ARG C 103 -3.01 5.40 25.54
N VAL C 104 -4.14 6.06 25.35
CA VAL C 104 -4.91 6.56 26.48
C VAL C 104 -5.33 5.38 27.36
N MET C 105 -5.85 4.33 26.73
CA MET C 105 -6.22 3.14 27.48
C MET C 105 -5.05 2.63 28.30
N LYS C 106 -3.86 2.60 27.68
CA LYS C 106 -2.66 2.12 28.34
C LYS C 106 -2.42 2.91 29.63
N LEU C 107 -2.38 4.23 29.51
CA LEU C 107 -2.16 5.09 30.66
C LEU C 107 -3.28 4.98 31.70
N LEU C 108 -4.48 4.64 31.26
CA LEU C 108 -5.61 4.52 32.19
C LEU C 108 -5.49 3.27 33.03
N GLY C 109 -4.76 2.29 32.52
CA GLY C 109 -4.54 1.06 33.25
C GLY C 109 -4.92 -0.18 32.48
N VAL C 110 -5.37 -0.02 31.24
CA VAL C 110 -5.79 -1.18 30.45
C VAL C 110 -4.65 -2.17 30.24
N LYS C 111 -4.92 -3.43 30.59
CA LYS C 111 -3.92 -4.50 30.45
C LYS C 111 -4.25 -5.38 29.25
N ILE C 112 -5.54 -5.50 28.95
CA ILE C 112 -6.00 -6.36 27.87
C ILE C 112 -6.95 -5.57 26.98
N LEU C 113 -6.74 -5.66 25.68
CA LEU C 113 -7.63 -5.03 24.71
C LEU C 113 -8.42 -6.12 24.00
N MET C 114 -9.73 -6.04 24.10
CA MET C 114 -10.58 -6.98 23.39
C MET C 114 -11.24 -6.20 22.27
N VAL C 115 -11.17 -6.76 21.08
CA VAL C 115 -11.65 -6.04 19.91
C VAL C 115 -12.44 -6.98 19.02
N SER C 116 -13.52 -6.45 18.47
CA SER C 116 -14.31 -7.21 17.54
C SER C 116 -14.33 -6.44 16.25
N ASN C 117 -14.62 -7.14 15.16
CA ASN C 117 -14.85 -6.46 13.91
C ASN C 117 -15.80 -7.27 13.05
N ALA C 118 -16.32 -6.62 12.02
CA ALA C 118 -17.13 -7.29 11.03
C ALA C 118 -16.17 -7.63 9.92
N ALA C 119 -16.14 -8.88 9.49
CA ALA C 119 -15.21 -9.26 8.46
C ALA C 119 -15.82 -10.18 7.40
N GLY C 120 -15.27 -10.12 6.20
CA GLY C 120 -15.64 -11.06 5.16
C GLY C 120 -14.94 -12.40 5.35
N GLY C 121 -15.70 -13.48 5.25
CA GLY C 121 -15.15 -14.81 5.33
C GLY C 121 -14.50 -15.24 4.03
N LEU C 122 -13.17 -15.31 4.02
CA LEU C 122 -12.42 -15.78 2.86
C LEU C 122 -12.32 -17.28 2.90
N ASN C 123 -11.86 -17.77 4.05
CA ASN C 123 -11.76 -19.20 4.27
C ASN C 123 -13.09 -19.84 3.96
N ARG C 124 -13.05 -20.84 3.08
CA ARG C 124 -14.25 -21.43 2.53
C ARG C 124 -15.05 -22.20 3.58
N SER C 125 -14.39 -22.54 4.68
CA SER C 125 -15.06 -23.32 5.72
C SER C 125 -15.91 -22.43 6.65
N LEU C 126 -15.80 -21.11 6.48
CA LEU C 126 -16.54 -20.18 7.33
C LEU C 126 -18.00 -20.02 6.94
N LYS C 127 -18.86 -19.82 7.93
CA LYS C 127 -20.26 -19.53 7.69
C LYS C 127 -20.58 -18.14 8.18
N LEU C 128 -21.55 -17.50 7.56
CA LEU C 128 -22.03 -16.23 8.04
C LEU C 128 -22.29 -16.36 9.54
N GLY C 129 -21.92 -15.35 10.31
CA GLY C 129 -22.12 -15.39 11.75
C GLY C 129 -21.10 -16.17 12.55
N ASP C 130 -20.22 -16.90 11.87
CA ASP C 130 -19.10 -17.52 12.58
C ASP C 130 -18.25 -16.46 13.27
N PHE C 131 -17.61 -16.85 14.36
CA PHE C 131 -16.63 -16.02 15.04
C PHE C 131 -15.25 -16.53 14.67
N VAL C 132 -14.43 -15.65 14.14
CA VAL C 132 -13.06 -16.01 13.85
C VAL C 132 -12.15 -15.24 14.78
N ILE C 133 -11.64 -15.93 15.79
CA ILE C 133 -10.66 -15.35 16.66
C ILE C 133 -9.45 -15.09 15.79
N LEU C 134 -8.89 -13.90 15.88
CA LEU C 134 -7.68 -13.62 15.14
C LEU C 134 -6.54 -14.26 15.90
N LYS C 135 -5.79 -15.15 15.24
CA LYS C 135 -4.58 -15.69 15.84
C LYS C 135 -3.36 -15.05 15.16
N ASP C 136 -3.61 -14.32 14.08
CA ASP C 136 -2.55 -13.61 13.39
C ASP C 136 -3.20 -12.65 12.41
N HIS C 137 -2.39 -11.81 11.79
CA HIS C 137 -2.93 -10.92 10.80
C HIS C 137 -1.96 -10.65 9.66
N ILE C 138 -2.48 -10.10 8.58
CA ILE C 138 -1.65 -9.60 7.50
C ILE C 138 -2.08 -8.17 7.28
N TYR C 139 -1.12 -7.29 7.53
CA TYR C 139 -1.34 -5.86 7.61
C TYR C 139 -0.96 -5.28 6.29
N LEU C 140 -1.78 -5.50 5.27
CA LEU C 140 -1.42 -5.04 3.93
C LEU C 140 -0.99 -3.57 3.92
N PRO C 141 -1.76 -2.71 4.62
CA PRO C 141 -1.32 -1.32 4.64
C PRO C 141 0.07 -1.16 5.29
N GLY C 142 0.33 -1.91 6.35
CA GLY C 142 1.59 -1.82 7.07
C GLY C 142 2.75 -2.32 6.25
N LEU C 143 2.55 -3.39 5.49
CA LEU C 143 3.59 -3.91 4.61
C LEU C 143 3.86 -2.88 3.52
N GLY C 144 2.80 -2.19 3.09
CA GLY C 144 2.98 -1.03 2.26
C GLY C 144 3.62 -0.03 3.19
N LEU C 145 3.51 1.25 2.90
CA LEU C 145 4.11 2.18 3.83
C LEU C 145 3.05 2.87 4.65
N ASN C 146 1.99 2.14 4.97
CA ASN C 146 0.90 2.75 5.71
C ASN C 146 0.69 2.12 7.08
N ASN C 147 1.78 1.65 7.67
CA ASN C 147 1.73 1.11 9.01
C ASN C 147 1.36 2.25 9.92
N ILE C 148 0.45 1.98 10.85
CA ILE C 148 0.03 3.00 11.79
C ILE C 148 1.23 3.57 12.55
N LEU C 149 2.29 2.77 12.69
CA LEU C 149 3.47 3.25 13.43
C LEU C 149 4.47 4.08 12.60
N VAL C 150 4.24 4.20 11.29
CA VAL C 150 5.12 5.02 10.46
C VAL C 150 5.20 6.42 11.03
N GLY C 151 6.40 6.95 11.11
CA GLY C 151 6.63 8.26 11.68
C GLY C 151 7.47 8.12 12.93
N PRO C 152 7.82 9.24 13.55
CA PRO C 152 8.67 9.18 14.74
C PRO C 152 8.10 8.19 15.73
N ASN C 153 8.94 7.31 16.25
CA ASN C 153 8.45 6.40 17.28
C ASN C 153 8.18 7.13 18.59
N GLN C 154 7.03 6.89 19.20
CA GLN C 154 6.76 7.43 20.52
C GLN C 154 7.37 6.49 21.55
N GLU C 155 8.61 6.76 21.91
CA GLU C 155 9.39 5.89 22.77
C GLU C 155 8.68 5.65 24.09
N ALA C 156 7.95 6.65 24.56
CA ALA C 156 7.22 6.52 25.81
C ALA C 156 6.29 5.31 25.79
N PHE C 157 5.76 4.98 24.62
CA PHE C 157 4.76 3.93 24.57
C PHE C 157 5.32 2.61 24.12
N GLY C 158 6.40 2.65 23.34
CA GLY C 158 6.97 1.41 22.86
C GLY C 158 8.20 1.58 22.01
N THR C 159 8.69 0.46 21.52
CA THR C 159 9.96 0.38 20.83
C THR C 159 9.75 0.71 19.35
N ARG C 160 10.84 1.02 18.66
CA ARG C 160 10.73 1.43 17.25
C ARG C 160 10.18 0.32 16.37
N PHE C 161 10.64 -0.91 16.62
CA PHE C 161 10.27 -2.08 15.82
C PHE C 161 9.55 -3.10 16.67
N PRO C 162 8.25 -2.89 16.90
CA PRO C 162 7.51 -3.83 17.73
C PRO C 162 7.52 -5.21 17.08
N ALA C 163 7.73 -6.26 17.87
CA ALA C 163 7.48 -7.60 17.36
C ALA C 163 5.99 -7.86 17.50
N LEU C 164 5.47 -8.63 16.57
CA LEU C 164 4.06 -8.97 16.55
C LEU C 164 3.93 -10.46 16.73
N SER C 165 5.01 -11.03 17.28
CA SER C 165 5.12 -12.46 17.55
C SER C 165 3.84 -13.10 18.13
N ASN C 166 3.48 -12.72 19.34
CA ASN C 166 2.28 -13.29 19.99
C ASN C 166 1.23 -12.20 20.09
N ALA C 167 1.00 -11.50 18.97
CA ALA C 167 0.14 -10.31 18.97
C ALA C 167 -1.25 -10.64 19.48
N TYR C 168 -1.75 -11.80 19.05
CA TYR C 168 -3.04 -12.28 19.47
C TYR C 168 -2.81 -13.31 20.54
N ASP C 169 -2.76 -12.82 21.78
CA ASP C 169 -2.28 -13.61 22.90
C ASP C 169 -2.86 -15.00 22.86
N ARG C 170 -1.98 -16.00 22.74
CA ARG C 170 -2.41 -17.38 22.55
C ARG C 170 -3.24 -17.89 23.74
N ASP C 171 -2.96 -17.36 24.94
CA ASP C 171 -3.70 -17.75 26.13
C ASP C 171 -5.10 -17.16 26.14
N LEU C 172 -5.20 -15.89 25.77
CA LEU C 172 -6.50 -15.26 25.61
C LEU C 172 -7.32 -16.03 24.59
N ARG C 173 -6.67 -16.44 23.51
CA ARG C 173 -7.35 -17.18 22.47
C ARG C 173 -7.80 -18.53 22.99
N LYS C 174 -6.93 -19.20 23.73
CA LYS C 174 -7.27 -20.47 24.38
C LYS C 174 -8.46 -20.29 25.33
N LEU C 175 -8.46 -19.22 26.12
CA LEU C 175 -9.57 -18.97 27.02
C LEU C 175 -10.86 -18.74 26.23
N ALA C 176 -10.79 -17.83 25.26
CA ALA C 176 -11.93 -17.52 24.42
C ALA C 176 -12.56 -18.78 23.85
N VAL C 177 -11.73 -19.68 23.34
CA VAL C 177 -12.21 -20.89 22.69
C VAL C 177 -12.87 -21.80 23.70
N GLN C 178 -12.21 -21.91 24.86
CA GLN C 178 -12.70 -22.78 25.91
C GLN C 178 -14.03 -22.26 26.40
N VAL C 179 -14.13 -20.93 26.51
CA VAL C 179 -15.36 -20.32 26.98
C VAL C 179 -16.48 -20.54 25.97
N ALA C 180 -16.14 -20.51 24.69
CA ALA C 180 -17.11 -20.84 23.66
C ALA C 180 -17.48 -22.31 23.76
N GLU C 181 -16.49 -23.17 23.94
CA GLU C 181 -16.72 -24.61 23.98
C GLU C 181 -17.67 -24.95 25.12
N GLU C 182 -17.31 -24.50 26.31
CA GLU C 182 -18.08 -24.75 27.53
C GLU C 182 -19.51 -24.25 27.45
N ASN C 183 -19.72 -23.20 26.66
CA ASN C 183 -21.04 -22.58 26.63
C ASN C 183 -21.87 -22.94 25.40
N GLY C 184 -21.41 -23.94 24.65
CA GLY C 184 -22.21 -24.57 23.64
C GLY C 184 -22.14 -23.99 22.23
N PHE C 185 -21.22 -23.06 22.00
CA PHE C 185 -21.12 -22.49 20.66
C PHE C 185 -19.69 -22.58 20.13
N GLY C 186 -18.99 -23.64 20.52
CA GLY C 186 -17.65 -23.90 20.04
C GLY C 186 -17.65 -24.07 18.54
N ASN C 187 -18.74 -24.60 18.00
CA ASN C 187 -18.87 -24.82 16.56
C ASN C 187 -18.87 -23.53 15.74
N LEU C 188 -19.16 -22.42 16.41
CA LEU C 188 -19.21 -21.13 15.72
C LEU C 188 -17.83 -20.51 15.74
N VAL C 189 -16.95 -21.08 16.56
CA VAL C 189 -15.68 -20.45 16.81
C VAL C 189 -14.53 -21.07 16.02
N HIS C 190 -13.88 -20.22 15.24
CA HIS C 190 -12.68 -20.59 14.54
C HIS C 190 -11.56 -19.67 14.98
N GLN C 191 -10.34 -20.02 14.61
CA GLN C 191 -9.24 -19.10 14.69
C GLN C 191 -8.72 -18.91 13.28
N GLY C 192 -8.14 -17.76 12.99
CA GLY C 192 -7.63 -17.56 11.66
C GLY C 192 -6.89 -16.25 11.48
N VAL C 193 -6.45 -16.03 10.25
CA VAL C 193 -5.68 -14.86 9.93
C VAL C 193 -6.58 -13.79 9.33
N TYR C 194 -6.51 -12.61 9.92
CA TYR C 194 -7.26 -11.47 9.46
C TYR C 194 -6.34 -10.62 8.62
N VAL C 195 -6.80 -10.27 7.43
CA VAL C 195 -6.03 -9.36 6.62
C VAL C 195 -6.78 -8.06 6.52
N MET C 196 -6.05 -6.98 6.63
CA MET C 196 -6.66 -5.68 6.52
C MET C 196 -6.65 -5.18 5.10
N ASN C 197 -7.85 -4.98 4.58
CA ASN C 197 -8.03 -4.18 3.38
C ASN C 197 -8.28 -2.76 3.85
N GLY C 198 -7.40 -1.85 3.46
CA GLY C 198 -7.54 -0.47 3.87
C GLY C 198 -8.96 0.03 3.63
N GLY C 199 -9.56 -0.37 2.50
CA GLY C 199 -10.94 -0.03 2.17
C GLY C 199 -11.08 1.38 1.67
N PRO C 200 -12.33 1.90 1.55
CA PRO C 200 -13.59 1.33 2.07
C PRO C 200 -14.30 0.41 1.09
N CYS C 201 -13.78 0.22 -0.13
CA CYS C 201 -14.39 -0.76 -1.02
C CYS C 201 -14.30 -2.15 -0.41
N TYR C 202 -15.40 -2.89 -0.52
CA TYR C 202 -15.31 -4.32 -0.36
C TYR C 202 -14.32 -4.89 -1.37
N GLU C 203 -13.84 -6.09 -1.08
CA GLU C 203 -12.82 -6.73 -1.87
C GLU C 203 -13.41 -7.34 -3.14
N THR C 204 -12.76 -7.12 -4.26
CA THR C 204 -13.20 -7.73 -5.50
C THR C 204 -13.02 -9.22 -5.35
N PRO C 205 -13.62 -10.00 -6.23
CA PRO C 205 -13.39 -11.44 -6.20
C PRO C 205 -11.92 -11.79 -6.41
N ALA C 206 -11.24 -11.08 -7.31
CA ALA C 206 -9.83 -11.37 -7.52
C ALA C 206 -9.06 -11.07 -6.25
N GLU C 207 -9.43 -9.99 -5.56
CA GLU C 207 -8.72 -9.61 -4.36
C GLU C 207 -8.94 -10.69 -3.32
N CYS C 208 -10.19 -11.11 -3.17
CA CYS C 208 -10.53 -12.13 -2.19
C CYS C 208 -9.80 -13.43 -2.49
N THR C 209 -9.71 -13.76 -3.77
CA THR C 209 -9.05 -14.98 -4.17
C THR C 209 -7.58 -14.90 -3.82
N MET C 210 -6.96 -13.77 -4.15
CA MET C 210 -5.58 -13.51 -3.80
C MET C 210 -5.39 -13.56 -2.28
N LEU C 211 -6.26 -12.88 -1.54
CA LEU C 211 -6.12 -12.87 -0.08
C LEU C 211 -6.23 -14.28 0.48
N LEU C 212 -7.23 -15.03 0.01
CA LEU C 212 -7.42 -16.40 0.46
C LEU C 212 -6.17 -17.23 0.18
N ASN C 213 -5.66 -17.12 -1.05
CA ASN C 213 -4.47 -17.86 -1.43
C ASN C 213 -3.23 -17.43 -0.64
N MET C 214 -3.27 -16.22 -0.09
CA MET C 214 -2.18 -15.74 0.76
C MET C 214 -2.26 -16.34 2.14
N GLY C 215 -3.33 -17.10 2.38
CA GLY C 215 -3.57 -17.69 3.69
C GLY C 215 -4.36 -16.80 4.63
N CYS C 216 -5.11 -15.85 4.09
CA CYS C 216 -6.01 -15.03 4.90
C CYS C 216 -7.35 -15.75 5.07
N ASP C 217 -7.93 -15.65 6.26
CA ASP C 217 -9.18 -16.33 6.54
C ASP C 217 -10.33 -15.36 6.51
N VAL C 218 -10.10 -14.16 7.00
CA VAL C 218 -11.12 -13.13 7.03
C VAL C 218 -10.49 -11.83 6.62
N VAL C 219 -11.30 -10.93 6.07
CA VAL C 219 -10.77 -9.65 5.64
C VAL C 219 -11.69 -8.55 6.14
N GLY C 220 -11.09 -7.47 6.62
CA GLY C 220 -11.83 -6.30 7.03
C GLY C 220 -10.94 -5.08 6.99
N MET C 221 -11.44 -3.98 7.54
CA MET C 221 -10.83 -2.70 7.32
C MET C 221 -10.45 -2.01 8.61
N SER C 222 -10.31 -2.79 9.66
CA SER C 222 -10.05 -2.19 10.95
C SER C 222 -9.10 -3.07 11.74
N THR C 223 -9.01 -2.78 13.03
CA THR C 223 -8.48 -3.73 14.00
C THR C 223 -6.95 -3.83 14.02
N ILE C 224 -6.34 -4.17 12.90
CA ILE C 224 -4.89 -4.34 12.88
C ILE C 224 -4.14 -3.10 13.38
N PRO C 225 -4.55 -1.90 12.94
CA PRO C 225 -3.83 -0.73 13.43
C PRO C 225 -3.95 -0.58 14.94
N GLU C 226 -5.17 -0.78 15.47
CA GLU C 226 -5.37 -0.71 16.90
C GLU C 226 -4.54 -1.78 17.60
N VAL C 227 -4.49 -2.97 17.01
CA VAL C 227 -3.72 -4.06 17.59
C VAL C 227 -2.25 -3.69 17.60
N VAL C 228 -1.79 -3.08 16.52
CA VAL C 228 -0.38 -2.70 16.45
C VAL C 228 -0.05 -1.73 17.58
N ILE C 229 -0.86 -0.70 17.72
CA ILE C 229 -0.67 0.26 18.80
C ILE C 229 -0.71 -0.43 20.15
N ALA C 230 -1.69 -1.32 20.31
CA ALA C 230 -1.82 -2.14 21.51
C ALA C 230 -0.54 -2.93 21.82
N ARG C 231 -0.04 -3.68 20.84
CA ARG C 231 1.13 -4.50 21.09
C ARG C 231 2.33 -3.60 21.34
N HIS C 232 2.37 -2.48 20.64
CA HIS C 232 3.47 -1.54 20.74
C HIS C 232 3.61 -1.09 22.19
N CYS C 233 2.49 -0.84 22.86
CA CYS C 233 2.54 -0.36 24.24
C CYS C 233 2.29 -1.46 25.27
N GLY C 234 2.41 -2.72 24.83
CA GLY C 234 2.36 -3.84 25.75
C GLY C 234 1.01 -4.17 26.34
N ILE C 235 -0.06 -3.86 25.62
CA ILE C 235 -1.39 -4.34 25.97
C ILE C 235 -1.63 -5.67 25.26
N GLN C 236 -2.07 -6.67 26.00
CA GLN C 236 -2.40 -7.94 25.40
C GLN C 236 -3.66 -7.78 24.56
N VAL C 237 -3.73 -8.53 23.48
CA VAL C 237 -4.85 -8.37 22.58
C VAL C 237 -5.62 -9.64 22.38
N PHE C 238 -6.93 -9.47 22.36
CA PHE C 238 -7.83 -10.49 21.90
C PHE C 238 -8.74 -9.83 20.89
N ALA C 239 -8.85 -10.44 19.73
CA ALA C 239 -9.62 -9.87 18.64
C ALA C 239 -10.38 -10.98 17.96
N VAL C 240 -11.62 -10.69 17.64
CA VAL C 240 -12.49 -11.64 16.96
C VAL C 240 -13.15 -10.97 15.79
N SER C 241 -13.20 -11.70 14.68
CA SER C 241 -14.01 -11.25 13.57
C SER C 241 -15.35 -11.96 13.59
N LEU C 242 -16.42 -11.19 13.44
CA LEU C 242 -17.71 -11.77 13.10
C LEU C 242 -17.75 -11.86 11.59
N VAL C 243 -17.99 -13.05 11.06
CA VAL C 243 -18.07 -13.20 9.63
C VAL C 243 -19.40 -12.63 9.20
N THR C 244 -19.36 -11.44 8.63
CA THR C 244 -20.59 -10.74 8.33
C THR C 244 -20.94 -10.83 6.86
N ASN C 245 -20.05 -11.46 6.11
CA ASN C 245 -20.32 -11.78 4.72
C ASN C 245 -19.37 -12.88 4.30
N ILE C 246 -19.83 -13.73 3.40
CA ILE C 246 -18.96 -14.72 2.83
C ILE C 246 -18.35 -14.11 1.59
N SER C 247 -17.02 -13.95 1.60
CA SER C 247 -16.36 -13.28 0.49
C SER C 247 -16.75 -13.96 -0.82
N VAL C 248 -17.06 -13.14 -1.81
CA VAL C 248 -17.35 -13.66 -3.14
C VAL C 248 -16.03 -13.81 -3.88
N LEU C 249 -15.74 -15.03 -4.34
CA LEU C 249 -14.49 -15.29 -5.04
C LEU C 249 -14.65 -15.31 -6.57
N ASP C 250 -15.88 -15.37 -7.05
CA ASP C 250 -16.17 -15.43 -8.48
C ASP C 250 -16.77 -14.12 -8.97
N VAL C 251 -16.21 -13.57 -10.05
CA VAL C 251 -16.78 -12.35 -10.63
C VAL C 251 -18.12 -12.61 -11.30
N GLU C 252 -18.37 -13.86 -11.67
CA GLU C 252 -19.61 -14.21 -12.35
C GLU C 252 -20.62 -14.66 -11.31
N SER C 253 -21.00 -13.73 -10.43
CA SER C 253 -21.89 -14.02 -9.32
C SER C 253 -22.80 -12.83 -8.99
N ASP C 254 -24.03 -13.14 -8.59
CA ASP C 254 -24.98 -12.11 -8.18
C ASP C 254 -24.50 -11.47 -6.87
N LEU C 255 -24.29 -12.31 -5.86
CA LEU C 255 -24.01 -11.86 -4.49
C LEU C 255 -23.03 -10.68 -4.43
N LYS C 256 -23.48 -9.58 -3.84
CA LYS C 256 -22.62 -8.41 -3.66
C LYS C 256 -22.63 -7.94 -2.20
N PRO C 257 -21.44 -7.81 -1.60
CA PRO C 257 -21.34 -7.36 -0.21
C PRO C 257 -22.05 -6.03 -0.02
N ASN C 258 -22.69 -5.85 1.13
CA ASN C 258 -23.32 -4.58 1.44
C ASN C 258 -23.37 -4.37 2.94
N HIS C 259 -23.00 -3.18 3.38
CA HIS C 259 -22.82 -2.96 4.81
C HIS C 259 -24.11 -3.23 5.59
N GLU C 260 -25.24 -3.12 4.92
CA GLU C 260 -26.53 -3.37 5.56
C GLU C 260 -26.58 -4.80 6.10
N GLU C 261 -26.30 -5.77 5.24
CA GLU C 261 -26.30 -7.18 5.65
C GLU C 261 -25.23 -7.45 6.68
N VAL C 262 -24.11 -6.74 6.56
CA VAL C 262 -23.08 -6.80 7.59
C VAL C 262 -23.72 -6.42 8.91
N LEU C 263 -24.43 -5.30 8.91
CA LEU C 263 -25.09 -4.83 10.13
C LEU C 263 -26.13 -5.84 10.62
N ALA C 264 -26.94 -6.35 9.70
CA ALA C 264 -27.94 -7.35 10.03
C ALA C 264 -27.30 -8.53 10.74
N THR C 265 -26.24 -9.08 10.14
CA THR C 265 -25.52 -10.19 10.75
C THR C 265 -24.99 -9.80 12.13
N GLY C 266 -24.44 -8.59 12.23
CA GLY C 266 -23.96 -8.10 13.50
C GLY C 266 -25.12 -8.04 14.50
N ALA C 267 -26.25 -7.49 14.07
CA ALA C 267 -27.42 -7.39 14.94
C ALA C 267 -27.83 -8.76 15.46
N GLN C 268 -27.76 -9.76 14.59
CA GLN C 268 -28.17 -11.11 14.96
C GLN C 268 -27.18 -11.81 15.89
N ARG C 269 -25.90 -11.50 15.77
CA ARG C 269 -24.91 -12.22 16.56
C ARG C 269 -24.41 -11.41 17.74
N ALA C 270 -24.89 -10.17 17.82
CA ALA C 270 -24.45 -9.23 18.85
C ALA C 270 -24.70 -9.81 20.23
N GLU C 271 -25.84 -10.44 20.41
CA GLU C 271 -26.20 -10.99 21.70
C GLU C 271 -25.23 -12.08 22.11
N LEU C 272 -24.97 -13.04 21.22
CA LEU C 272 -24.12 -14.16 21.57
C LEU C 272 -22.70 -13.69 21.80
N MET C 273 -22.27 -12.73 20.98
CA MET C 273 -20.91 -12.24 21.09
C MET C 273 -20.72 -11.49 22.39
N GLN C 274 -21.73 -10.71 22.78
CA GLN C 274 -21.71 -10.04 24.06
C GLN C 274 -21.57 -11.06 25.18
N SER C 275 -22.43 -12.08 25.16
CA SER C 275 -22.37 -13.16 26.14
C SER C 275 -20.99 -13.80 26.19
N TRP C 276 -20.45 -14.10 25.02
CA TRP C 276 -19.12 -14.66 24.90
C TRP C 276 -18.10 -13.74 25.56
N PHE C 277 -18.19 -12.45 25.24
CA PHE C 277 -17.23 -11.49 25.77
C PHE C 277 -17.33 -11.35 27.27
N GLU C 278 -18.56 -11.24 27.76
CA GLU C 278 -18.77 -11.17 29.20
C GLU C 278 -18.21 -12.40 29.88
N LYS C 279 -18.41 -13.55 29.25
CA LYS C 279 -17.96 -14.80 29.85
C LYS C 279 -16.45 -14.99 29.79
N ILE C 280 -15.83 -14.54 28.71
CA ILE C 280 -14.37 -14.51 28.67
C ILE C 280 -13.88 -13.60 29.78
N ILE C 281 -14.44 -12.39 29.84
CA ILE C 281 -13.98 -11.39 30.79
C ILE C 281 -14.03 -11.93 32.19
N GLU C 282 -15.12 -12.64 32.50
CA GLU C 282 -15.27 -13.26 33.82
C GLU C 282 -14.09 -14.17 34.18
N LYS C 283 -13.57 -14.90 33.20
CA LYS C 283 -12.50 -15.87 33.45
C LYS C 283 -11.09 -15.36 33.13
N LEU C 284 -10.93 -14.05 33.01
CA LEU C 284 -9.61 -13.48 32.79
C LEU C 284 -8.78 -13.59 34.08
N PRO C 285 -7.50 -13.94 33.94
CA PRO C 285 -6.63 -14.22 35.10
C PRO C 285 -6.01 -12.95 35.69
N LYS C 286 -5.03 -13.16 36.57
CA LYS C 286 -4.24 -12.08 37.19
C LYS C 286 -5.06 -11.19 38.13
N ASP C 287 -6.37 -11.32 38.06
CA ASP C 287 -7.28 -10.46 38.82
C ASP C 287 -8.52 -11.23 39.26
#